data_2XX2
#
_entry.id   2XX2
#
_cell.length_a   104.500
_cell.length_b   104.500
_cell.length_c   109.570
_cell.angle_alpha   90.00
_cell.angle_beta   90.00
_cell.angle_gamma   90.00
#
_symmetry.space_group_name_H-M   'P 43'
#
loop_
_entity.id
_entity.type
_entity.pdbx_description
1 polymer 'ATP-DEPENDENT MOLECULAR CHAPERONE HSP82'
2 non-polymer (5E)-13-CHLORO-14,16-DIHYDROXY-3,4,7,8,9,10-HEXAHYDRO-2-BENZAZACYCLOTETRADECINE-1,11(2H,12H)-DIONE
3 non-polymer GLYCEROL
4 water water
#
_entity_poly.entity_id   1
_entity_poly.type   'polypeptide(L)'
_entity_poly.pdbx_seq_one_letter_code
;MASETFEFQAEITQLMSLIINTVYSNKEIFLRELISNASDALDKIRYKSLSDPKQLETEPDLFIRITPKPEQKVLEIRDS
GIGMTKAELINNLGTIAKSGTKAFMEALSAGADVSMIGQFGVGFYSLFLVADRVQVISKSNDDEQYIWESNAGGSFTVTL
DEVNERIGRGTILRLFLKDDQLEYLEEKRIKEVIKRHSEFVAYPIQLVVTKEVE
;
_entity_poly.pdbx_strand_id   A,B,C,D
#
# COMPACT_ATOMS: atom_id res chain seq x y z
N MET A 1 15.41 -23.72 -30.03
CA MET A 1 14.55 -24.56 -29.19
C MET A 1 13.25 -24.93 -29.88
N ALA A 2 12.98 -26.22 -29.94
CA ALA A 2 11.74 -26.71 -30.53
C ALA A 2 10.58 -26.48 -29.55
N SER A 3 9.45 -26.03 -30.08
CA SER A 3 8.30 -25.76 -29.24
C SER A 3 7.41 -27.00 -29.20
N GLU A 4 6.62 -27.14 -28.13
CA GLU A 4 5.62 -28.20 -28.06
C GLU A 4 4.23 -27.59 -28.17
N THR A 5 3.32 -28.30 -28.84
CA THR A 5 1.97 -27.79 -29.02
C THR A 5 0.96 -28.58 -28.21
N PHE A 6 0.00 -27.85 -27.61
CA PHE A 6 -1.04 -28.46 -26.78
C PHE A 6 -2.42 -27.92 -27.14
N GLU A 7 -3.44 -28.77 -27.07
CA GLU A 7 -4.80 -28.31 -27.33
C GLU A 7 -5.40 -27.75 -26.05
N PHE A 8 -6.17 -26.68 -26.18
CA PHE A 8 -6.90 -26.12 -25.05
C PHE A 8 -8.01 -27.10 -24.64
N GLN A 9 -8.34 -27.15 -23.36
CA GLN A 9 -9.55 -27.85 -22.93
C GLN A 9 -10.72 -27.15 -23.61
N ALA A 10 -11.73 -27.92 -24.00
CA ALA A 10 -12.81 -27.42 -24.86
C ALA A 10 -13.52 -26.17 -24.36
N GLU A 11 -13.88 -26.14 -23.08
CA GLU A 11 -14.63 -25.03 -22.53
C GLU A 11 -13.80 -23.74 -22.41
N ILE A 12 -12.49 -23.90 -22.27
CA ILE A 12 -11.57 -22.77 -22.26
C ILE A 12 -11.51 -22.13 -23.65
N THR A 13 -11.49 -22.97 -24.68
CA THR A 13 -11.56 -22.48 -26.04
C THR A 13 -12.88 -21.71 -26.24
N GLN A 14 -13.96 -22.21 -25.64
CA GLN A 14 -15.27 -21.57 -25.72
C GLN A 14 -15.25 -20.24 -24.94
N LEU A 15 -14.65 -20.26 -23.76
CA LEU A 15 -14.53 -19.07 -22.93
C LEU A 15 -13.79 -17.98 -23.67
N MET A 16 -12.69 -18.35 -24.33
CA MET A 16 -11.89 -17.37 -25.04
C MET A 16 -12.68 -16.67 -26.15
N SER A 17 -13.42 -17.46 -26.92
CA SER A 17 -14.23 -16.91 -28.01
C SER A 17 -15.34 -15.99 -27.52
N LEU A 18 -15.92 -16.34 -26.38
CA LEU A 18 -16.99 -15.53 -25.80
C LEU A 18 -16.43 -14.19 -25.35
N ILE A 19 -15.26 -14.23 -24.71
CA ILE A 19 -14.59 -13.02 -24.26
C ILE A 19 -14.21 -12.08 -25.42
N ILE A 20 -13.57 -12.65 -26.44
CA ILE A 20 -13.14 -11.88 -27.60
C ILE A 20 -14.31 -11.31 -28.41
N ASN A 21 -15.39 -12.07 -28.52
CA ASN A 21 -16.46 -11.73 -29.46
C ASN A 21 -17.73 -11.07 -28.90
N THR A 22 -17.98 -11.17 -27.60
CA THR A 22 -19.27 -10.71 -27.05
C THR A 22 -19.18 -9.69 -25.91
N VAL A 23 -17.96 -9.30 -25.58
CA VAL A 23 -17.76 -8.32 -24.51
C VAL A 23 -17.31 -6.98 -25.08
N TYR A 24 -18.11 -5.95 -24.84
CA TYR A 24 -17.94 -4.65 -25.49
C TYR A 24 -17.49 -3.55 -24.54
N SER A 25 -17.74 -3.75 -23.25
CA SER A 25 -17.48 -2.69 -22.28
C SER A 25 -16.72 -3.15 -21.03
N ASN A 26 -16.09 -2.19 -20.36
CA ASN A 26 -15.35 -2.42 -19.11
C ASN A 26 -14.15 -3.34 -19.31
N LYS A 27 -13.50 -3.21 -20.47
CA LYS A 27 -12.33 -4.02 -20.79
C LYS A 27 -11.16 -3.79 -19.84
N GLU A 28 -11.17 -2.62 -19.20
CA GLU A 28 -10.00 -2.14 -18.46
C GLU A 28 -9.76 -3.02 -17.24
N ILE A 29 -10.79 -3.77 -16.84
CA ILE A 29 -10.66 -4.69 -15.70
C ILE A 29 -9.66 -5.80 -15.96
N PHE A 30 -9.23 -5.98 -17.19
CA PHE A 30 -8.16 -6.97 -17.44
C PHE A 30 -6.95 -6.64 -16.58
N LEU A 31 -6.67 -5.34 -16.41
CA LEU A 31 -5.49 -4.96 -15.66
C LEU A 31 -5.65 -5.30 -14.19
N ARG A 32 -6.87 -5.12 -13.65
CA ARG A 32 -7.13 -5.50 -12.28
C ARG A 32 -6.88 -6.98 -12.09
N GLU A 33 -7.36 -7.76 -13.06
CA GLU A 33 -7.24 -9.22 -12.96
C GLU A 33 -5.78 -9.64 -12.98
N LEU A 34 -5.01 -9.02 -13.87
CA LEU A 34 -3.60 -9.37 -13.99
C LEU A 34 -2.79 -8.90 -12.78
N ILE A 35 -3.15 -7.74 -12.23
CA ILE A 35 -2.51 -7.27 -11.01
C ILE A 35 -2.83 -8.19 -9.82
N SER A 36 -4.07 -8.61 -9.73
CA SER A 36 -4.49 -9.54 -8.68
C SER A 36 -3.76 -10.88 -8.75
N ASN A 37 -3.65 -11.43 -9.96
CA ASN A 37 -2.88 -12.65 -10.15
C ASN A 37 -1.42 -12.47 -9.73
N ALA A 38 -0.86 -11.31 -10.06
CA ALA A 38 0.51 -11.03 -9.69
C ALA A 38 0.64 -10.99 -8.16
N SER A 39 -0.28 -10.27 -7.54
CA SER A 39 -0.29 -10.14 -6.08
C SER A 39 -0.37 -11.53 -5.43
N ASP A 40 -1.28 -12.35 -5.94
CA ASP A 40 -1.41 -13.74 -5.49
C ASP A 40 -0.10 -14.52 -5.53
N ALA A 41 0.63 -14.41 -6.64
CA ALA A 41 1.88 -15.13 -6.80
C ALA A 41 2.92 -14.60 -5.85
N LEU A 42 2.87 -13.30 -5.58
CA LEU A 42 3.81 -12.68 -4.65
C LEU A 42 3.52 -13.17 -3.21
N ASP A 43 2.25 -13.25 -2.86
CA ASP A 43 1.85 -13.86 -1.59
C ASP A 43 2.43 -15.25 -1.37
N LYS A 44 2.42 -16.08 -2.42
CA LYS A 44 2.81 -17.48 -2.29
C LYS A 44 4.31 -17.67 -2.13
N ILE A 45 5.10 -16.86 -2.81
CA ILE A 45 6.54 -16.97 -2.63
C ILE A 45 6.89 -16.43 -1.24
N ARG A 46 6.12 -15.43 -0.80
CA ARG A 46 6.36 -14.77 0.48
C ARG A 46 6.02 -15.73 1.62
N TYR A 47 4.88 -16.39 1.48
CA TYR A 47 4.46 -17.43 2.43
C TYR A 47 5.41 -18.62 2.42
N LYS A 48 5.74 -19.11 1.23
CA LYS A 48 6.63 -20.26 1.11
C LYS A 48 8.01 -19.91 1.69
N SER A 49 8.24 -18.62 1.87
CA SER A 49 9.47 -18.18 2.51
C SER A 49 9.25 -18.00 4.02
N LEU A 50 7.99 -18.03 4.45
CA LEU A 50 7.66 -17.97 5.87
C LEU A 50 8.28 -19.16 6.60
N SER A 51 8.65 -20.19 5.84
CA SER A 51 9.25 -21.40 6.40
C SER A 51 10.43 -21.91 5.56
N ASP A 52 11.05 -21.00 4.83
CA ASP A 52 12.21 -21.27 3.98
C ASP A 52 12.60 -20.00 3.23
N PRO A 53 13.79 -19.45 3.57
CA PRO A 53 14.22 -18.12 3.11
C PRO A 53 15.08 -18.13 1.85
N LYS A 54 15.71 -19.26 1.55
CA LYS A 54 16.57 -19.36 0.37
C LYS A 54 15.76 -19.12 -0.91
N GLN A 55 14.44 -19.22 -0.78
CA GLN A 55 13.54 -19.07 -1.91
C GLN A 55 13.57 -17.69 -2.53
N LEU A 56 13.79 -16.68 -1.70
CA LEU A 56 13.79 -15.30 -2.15
C LEU A 56 15.09 -14.89 -2.83
N GLU A 57 16.14 -15.67 -2.63
CA GLU A 57 17.46 -15.32 -3.12
C GLU A 57 17.52 -15.18 -4.64
N THR A 58 16.62 -15.87 -5.34
CA THR A 58 16.59 -15.79 -6.80
C THR A 58 16.07 -14.43 -7.27
N GLU A 59 15.33 -13.75 -6.41
CA GLU A 59 14.82 -12.42 -6.67
C GLU A 59 14.31 -11.80 -5.38
N PRO A 60 15.21 -11.15 -4.63
CA PRO A 60 14.93 -10.65 -3.28
C PRO A 60 13.82 -9.60 -3.24
N ASP A 61 13.68 -8.80 -4.30
CA ASP A 61 12.67 -7.76 -4.30
C ASP A 61 11.33 -8.28 -4.75
N LEU A 62 10.27 -7.89 -4.02
CA LEU A 62 8.92 -8.32 -4.33
C LEU A 62 8.15 -7.18 -4.95
N PHE A 63 7.79 -7.33 -6.22
CA PHE A 63 7.19 -6.19 -6.92
C PHE A 63 6.30 -6.62 -8.07
N ILE A 64 5.45 -5.69 -8.47
CA ILE A 64 4.72 -5.77 -9.73
C ILE A 64 5.24 -4.64 -10.63
N ARG A 65 5.50 -4.93 -11.91
CA ARG A 65 6.08 -3.93 -12.81
C ARG A 65 5.38 -3.92 -14.17
N ILE A 66 4.96 -2.75 -14.61
CA ILE A 66 4.23 -2.63 -15.87
C ILE A 66 5.08 -1.85 -16.88
N THR A 67 5.28 -2.44 -18.06
CA THR A 67 6.17 -1.88 -19.07
C THR A 67 5.51 -1.80 -20.43
N PRO A 68 5.08 -0.61 -20.82
CA PRO A 68 4.61 -0.35 -22.19
C PRO A 68 5.76 -0.41 -23.19
N LYS A 69 5.54 -1.08 -24.32
CA LYS A 69 6.54 -1.15 -25.39
C LYS A 69 5.88 -0.73 -26.70
N PRO A 70 5.60 0.57 -26.84
CA PRO A 70 4.76 1.14 -27.90
C PRO A 70 5.18 0.72 -29.31
N GLU A 71 6.47 0.62 -29.56
CA GLU A 71 6.98 0.25 -30.88
C GLU A 71 6.52 -1.16 -31.31
N GLN A 72 6.32 -2.03 -30.33
CA GLN A 72 5.86 -3.37 -30.61
C GLN A 72 4.37 -3.56 -30.34
N LYS A 73 3.71 -2.47 -29.95
CA LYS A 73 2.32 -2.56 -29.49
C LYS A 73 2.18 -3.62 -28.40
N VAL A 74 3.13 -3.62 -27.46
CA VAL A 74 3.15 -4.61 -26.39
C VAL A 74 3.04 -3.97 -25.01
N LEU A 75 2.29 -4.61 -24.12
CA LEU A 75 2.26 -4.22 -22.73
C LEU A 75 2.67 -5.43 -21.89
N GLU A 76 3.70 -5.26 -21.07
CA GLU A 76 4.15 -6.33 -20.18
C GLU A 76 3.75 -6.05 -18.74
N ILE A 77 3.28 -7.09 -18.07
CA ILE A 77 2.99 -7.02 -16.64
C ILE A 77 3.84 -8.10 -16.01
N ARG A 78 4.77 -7.69 -15.15
CA ARG A 78 5.72 -8.61 -14.53
C ARG A 78 5.54 -8.66 -13.01
N ASP A 79 5.76 -9.82 -12.40
CA ASP A 79 5.85 -9.89 -10.95
C ASP A 79 6.97 -10.83 -10.58
N SER A 80 7.49 -10.67 -9.37
CA SER A 80 8.51 -11.57 -8.85
C SER A 80 7.92 -12.57 -7.86
N GLY A 81 6.69 -13.00 -8.16
CA GLY A 81 6.04 -14.07 -7.40
C GLY A 81 6.66 -15.44 -7.57
N ILE A 82 5.91 -16.48 -7.16
CA ILE A 82 6.43 -17.83 -7.09
C ILE A 82 6.73 -18.47 -8.45
N GLY A 83 6.05 -17.99 -9.50
CA GLY A 83 6.31 -18.49 -10.83
C GLY A 83 5.60 -19.81 -11.14
N MET A 84 5.84 -20.34 -12.32
CA MET A 84 5.20 -21.58 -12.77
C MET A 84 6.20 -22.46 -13.47
N THR A 85 6.20 -23.75 -13.13
CA THR A 85 7.03 -24.72 -13.83
C THR A 85 6.42 -25.01 -15.19
N LYS A 86 7.13 -25.77 -16.02
CA LYS A 86 6.59 -26.13 -17.33
C LYS A 86 5.24 -26.86 -17.19
N ALA A 87 5.15 -27.83 -16.29
CA ALA A 87 3.92 -28.57 -16.08
C ALA A 87 2.79 -27.65 -15.59
N GLU A 88 3.13 -26.70 -14.75
CA GLU A 88 2.14 -25.75 -14.22
C GLU A 88 1.57 -24.87 -15.33
N LEU A 89 2.43 -24.36 -16.21
CA LEU A 89 1.96 -23.57 -17.35
C LEU A 89 0.97 -24.37 -18.17
N ILE A 90 1.36 -25.61 -18.48
CA ILE A 90 0.50 -26.49 -19.28
C ILE A 90 -0.84 -26.76 -18.59
N ASN A 91 -0.79 -27.10 -17.30
CA ASN A 91 -1.99 -27.44 -16.54
C ASN A 91 -2.88 -26.23 -16.20
N ASN A 92 -2.27 -25.16 -15.71
CA ASN A 92 -3.00 -23.99 -15.22
C ASN A 92 -3.55 -23.11 -16.34
N LEU A 93 -2.86 -23.09 -17.48
CA LEU A 93 -3.22 -22.17 -18.55
C LEU A 93 -3.71 -22.88 -19.81
N GLY A 94 -4.54 -23.90 -19.66
CA GLY A 94 -5.22 -24.40 -20.84
C GLY A 94 -5.68 -25.84 -20.91
N THR A 95 -4.92 -26.78 -20.36
CA THR A 95 -5.27 -28.19 -20.54
C THR A 95 -6.28 -28.72 -19.52
N ILE A 96 -6.30 -28.13 -18.33
CA ILE A 96 -7.21 -28.62 -17.32
C ILE A 96 -8.42 -27.72 -17.12
N ALA A 97 -9.59 -28.35 -16.98
CA ALA A 97 -10.86 -27.65 -16.81
C ALA A 97 -10.85 -26.77 -15.57
N LYS A 98 -11.23 -25.51 -15.73
CA LYS A 98 -11.39 -24.63 -14.58
C LYS A 98 -12.83 -24.76 -14.09
N SER A 99 -13.01 -25.00 -12.79
CA SER A 99 -14.34 -25.32 -12.28
C SER A 99 -15.39 -24.24 -12.60
N GLY A 100 -14.99 -22.98 -12.55
CA GLY A 100 -15.91 -21.88 -12.78
C GLY A 100 -16.14 -21.48 -14.23
N THR A 101 -15.46 -22.14 -15.17
CA THR A 101 -15.53 -21.74 -16.58
C THR A 101 -16.95 -21.72 -17.14
N LYS A 102 -17.67 -22.85 -17.02
CA LYS A 102 -19.06 -22.91 -17.46
C LYS A 102 -19.98 -21.91 -16.77
N ALA A 103 -19.89 -21.82 -15.46
CA ALA A 103 -20.76 -20.93 -14.73
C ALA A 103 -20.51 -19.50 -15.19
N PHE A 104 -19.24 -19.16 -15.46
CA PHE A 104 -18.94 -17.81 -15.91
C PHE A 104 -19.51 -17.54 -17.31
N MET A 105 -19.35 -18.49 -18.23
CA MET A 105 -19.91 -18.31 -19.55
C MET A 105 -21.43 -18.11 -19.48
N GLU A 106 -22.10 -18.89 -18.63
CA GLU A 106 -23.55 -18.72 -18.42
C GLU A 106 -23.86 -17.33 -17.88
N ALA A 107 -23.14 -16.94 -16.84
CA ALA A 107 -23.37 -15.63 -16.23
C ALA A 107 -23.19 -14.53 -17.26
N LEU A 108 -22.11 -14.61 -18.02
CA LEU A 108 -21.82 -13.61 -19.05
C LEU A 108 -22.96 -13.53 -20.07
N SER A 109 -23.42 -14.68 -20.55
CA SER A 109 -24.51 -14.72 -21.52
C SER A 109 -25.80 -14.18 -20.93
N ALA A 110 -25.88 -14.21 -19.60
CA ALA A 110 -27.07 -13.72 -18.90
C ALA A 110 -27.02 -12.20 -18.67
N GLY A 111 -25.90 -11.57 -19.02
CA GLY A 111 -25.78 -10.12 -18.91
C GLY A 111 -24.80 -9.66 -17.85
N ALA A 112 -24.08 -10.61 -17.25
CA ALA A 112 -23.09 -10.27 -16.23
C ALA A 112 -22.02 -9.31 -16.75
N ASP A 113 -21.61 -8.37 -15.89
CA ASP A 113 -20.46 -7.51 -16.17
C ASP A 113 -19.21 -8.41 -16.24
N VAL A 114 -18.31 -8.17 -17.19
CA VAL A 114 -17.13 -9.03 -17.29
C VAL A 114 -16.27 -8.89 -16.04
N SER A 115 -16.48 -7.82 -15.30
CA SER A 115 -15.79 -7.60 -14.04
C SER A 115 -15.95 -8.80 -13.12
N MET A 116 -17.03 -9.56 -13.33
CA MET A 116 -17.34 -10.72 -12.50
C MET A 116 -16.40 -11.91 -12.76
N ILE A 117 -15.59 -11.83 -13.80
CA ILE A 117 -14.75 -12.97 -14.22
C ILE A 117 -13.85 -13.51 -13.09
N GLY A 118 -13.31 -12.63 -12.26
CA GLY A 118 -12.46 -13.05 -11.18
C GLY A 118 -13.17 -13.89 -10.14
N GLN A 119 -14.46 -13.65 -9.97
CA GLN A 119 -15.29 -14.41 -9.03
C GLN A 119 -15.37 -15.88 -9.41
N PHE A 120 -15.05 -16.17 -10.67
CA PHE A 120 -15.14 -17.52 -11.21
C PHE A 120 -13.79 -18.20 -11.43
N GLY A 121 -12.71 -17.52 -11.06
CA GLY A 121 -11.39 -18.12 -11.12
C GLY A 121 -10.73 -18.13 -12.49
N VAL A 122 -11.34 -17.45 -13.47
CA VAL A 122 -10.81 -17.47 -14.83
C VAL A 122 -10.39 -16.09 -15.34
N GLY A 123 -10.01 -15.21 -14.42
CA GLY A 123 -9.68 -13.83 -14.76
C GLY A 123 -8.53 -13.69 -15.73
N PHE A 124 -7.63 -14.68 -15.74
CA PHE A 124 -6.51 -14.65 -16.68
C PHE A 124 -7.00 -14.34 -18.09
N TYR A 125 -8.12 -14.95 -18.47
CA TYR A 125 -8.57 -14.91 -19.85
C TYR A 125 -9.15 -13.57 -20.23
N SER A 126 -9.35 -12.68 -19.24
CA SER A 126 -9.78 -11.32 -19.54
C SER A 126 -8.75 -10.55 -20.36
N LEU A 127 -7.53 -11.05 -20.41
CA LEU A 127 -6.50 -10.37 -21.20
C LEU A 127 -6.89 -10.34 -22.67
N PHE A 128 -7.72 -11.29 -23.09
CA PHE A 128 -8.11 -11.33 -24.50
C PHE A 128 -9.14 -10.25 -24.82
N LEU A 129 -9.62 -9.54 -23.79
CA LEU A 129 -10.40 -8.32 -24.02
C LEU A 129 -9.58 -7.29 -24.79
N VAL A 130 -8.27 -7.24 -24.56
CA VAL A 130 -7.43 -6.19 -25.17
C VAL A 130 -6.31 -6.70 -26.07
N ALA A 131 -5.98 -7.98 -25.97
CA ALA A 131 -4.86 -8.53 -26.75
C ALA A 131 -5.34 -9.68 -27.64
N ASP A 132 -4.72 -9.82 -28.81
CA ASP A 132 -5.06 -10.94 -29.68
C ASP A 132 -3.97 -12.01 -29.67
N ARG A 133 -2.91 -11.75 -28.92
CA ARG A 133 -1.82 -12.70 -28.77
C ARG A 133 -1.20 -12.47 -27.39
N VAL A 134 -0.76 -13.53 -26.74
CA VAL A 134 -0.10 -13.40 -25.46
C VAL A 134 1.02 -14.41 -25.29
N GLN A 135 2.11 -13.95 -24.71
CA GLN A 135 3.15 -14.84 -24.25
C GLN A 135 3.21 -14.71 -22.74
N VAL A 136 3.16 -15.85 -22.06
CA VAL A 136 3.42 -15.90 -20.63
C VAL A 136 4.81 -16.48 -20.45
N ILE A 137 5.70 -15.69 -19.89
CA ILE A 137 7.07 -16.10 -19.64
C ILE A 137 7.19 -16.33 -18.14
N SER A 138 7.59 -17.52 -17.74
CA SER A 138 7.60 -17.81 -16.31
C SER A 138 8.85 -18.56 -15.84
N LYS A 139 9.32 -18.20 -14.66
CA LYS A 139 10.43 -18.87 -14.01
C LYS A 139 10.09 -19.21 -12.56
N SER A 140 9.98 -20.49 -12.29
CA SER A 140 9.80 -20.98 -10.92
C SER A 140 11.16 -21.41 -10.42
N ASN A 141 11.41 -21.23 -9.13
CA ASN A 141 12.67 -21.72 -8.55
C ASN A 141 12.87 -23.19 -8.89
N ASP A 142 11.77 -23.89 -9.14
CA ASP A 142 11.82 -25.33 -9.33
C ASP A 142 12.01 -25.81 -10.76
N ASP A 143 12.18 -24.89 -11.71
CA ASP A 143 12.31 -25.27 -13.10
C ASP A 143 13.07 -24.19 -13.91
N GLU A 144 13.26 -24.44 -15.20
CA GLU A 144 13.89 -23.49 -16.11
C GLU A 144 12.86 -22.48 -16.58
N GLN A 145 13.32 -21.41 -17.22
CA GLN A 145 12.41 -20.39 -17.74
C GLN A 145 11.69 -20.90 -19.00
N TYR A 146 10.37 -20.76 -19.04
CA TYR A 146 9.55 -21.22 -20.17
C TYR A 146 8.66 -20.14 -20.78
N ILE A 147 8.27 -20.34 -22.03
CA ILE A 147 7.34 -19.45 -22.73
C ILE A 147 6.08 -20.19 -23.18
N TRP A 148 4.95 -19.74 -22.67
CA TRP A 148 3.64 -20.24 -23.08
C TRP A 148 3.09 -19.21 -24.03
N GLU A 149 2.58 -19.63 -25.18
CA GLU A 149 2.09 -18.67 -26.15
C GLU A 149 0.76 -19.07 -26.74
N SER A 150 -0.16 -18.09 -26.85
CA SER A 150 -1.46 -18.32 -27.44
C SER A 150 -1.91 -17.15 -28.28
N ASN A 151 -2.62 -17.46 -29.37
CA ASN A 151 -3.26 -16.44 -30.20
C ASN A 151 -4.78 -16.64 -30.21
N ALA A 152 -5.29 -17.25 -29.15
CA ALA A 152 -6.71 -17.52 -29.02
C ALA A 152 -7.23 -18.46 -30.09
N GLY A 153 -6.35 -19.33 -30.58
CA GLY A 153 -6.75 -20.39 -31.49
C GLY A 153 -7.42 -21.48 -30.70
N GLY A 154 -7.00 -22.72 -30.92
CA GLY A 154 -7.51 -23.84 -30.15
C GLY A 154 -6.38 -24.56 -29.47
N SER A 155 -5.16 -24.09 -29.72
CA SER A 155 -3.97 -24.72 -29.17
C SER A 155 -2.94 -23.66 -28.75
N PHE A 156 -2.06 -24.04 -27.84
CA PHE A 156 -0.98 -23.16 -27.41
C PHE A 156 0.35 -23.88 -27.53
N THR A 157 1.43 -23.11 -27.45
CA THR A 157 2.76 -23.68 -27.47
C THR A 157 3.45 -23.43 -26.15
N VAL A 158 4.36 -24.34 -25.78
CA VAL A 158 5.25 -24.15 -24.66
C VAL A 158 6.68 -24.40 -25.13
N THR A 159 7.58 -23.45 -24.87
CA THR A 159 8.95 -23.50 -25.37
C THR A 159 9.95 -23.11 -24.29
N LEU A 160 11.02 -23.90 -24.18
CA LEU A 160 12.12 -23.54 -23.29
C LEU A 160 12.65 -22.17 -23.72
N ASP A 161 12.83 -21.27 -22.76
CA ASP A 161 13.14 -19.87 -23.06
C ASP A 161 14.63 -19.64 -23.24
N GLU A 162 15.03 -19.44 -24.48
CA GLU A 162 16.41 -19.01 -24.75
C GLU A 162 16.46 -17.65 -25.43
N VAL A 163 15.40 -16.85 -25.29
CA VAL A 163 15.27 -15.62 -26.07
C VAL A 163 14.88 -14.35 -25.31
N ASN A 164 14.29 -14.48 -24.11
CA ASN A 164 13.92 -13.31 -23.32
C ASN A 164 14.88 -13.05 -22.18
N GLU A 165 14.81 -11.86 -21.61
CA GLU A 165 15.60 -11.52 -20.41
C GLU A 165 15.39 -12.56 -19.31
N ARG A 166 16.42 -12.78 -18.50
CA ARG A 166 16.26 -13.66 -17.34
C ARG A 166 15.41 -12.94 -16.33
N ILE A 167 14.36 -13.59 -15.88
CA ILE A 167 13.77 -13.10 -14.67
C ILE A 167 14.33 -14.02 -13.59
N GLY A 168 14.70 -13.47 -12.45
CA GLY A 168 15.29 -14.29 -11.41
C GLY A 168 14.25 -15.32 -11.01
N ARG A 169 13.01 -14.84 -10.89
CA ARG A 169 11.88 -15.65 -10.46
C ARG A 169 10.61 -14.86 -10.79
N GLY A 170 9.58 -15.54 -11.27
CA GLY A 170 8.30 -14.87 -11.42
C GLY A 170 7.65 -15.06 -12.77
N THR A 171 6.77 -14.13 -13.13
CA THR A 171 6.00 -14.26 -14.35
C THR A 171 5.88 -12.94 -15.10
N ILE A 172 5.97 -13.00 -16.42
CA ILE A 172 5.69 -11.85 -17.25
C ILE A 172 4.52 -12.20 -18.15
N LEU A 173 3.49 -11.36 -18.14
CA LEU A 173 2.49 -11.46 -19.17
C LEU A 173 2.82 -10.43 -20.24
N ARG A 174 3.08 -10.93 -21.45
CA ARG A 174 3.41 -10.06 -22.59
C ARG A 174 2.20 -10.05 -23.51
N LEU A 175 1.49 -8.94 -23.48
CA LEU A 175 0.26 -8.78 -24.24
C LEU A 175 0.56 -8.05 -25.53
N PHE A 176 0.19 -8.66 -26.65
CA PHE A 176 0.27 -8.01 -27.94
C PHE A 176 -1.08 -7.33 -28.17
N LEU A 177 -1.14 -6.04 -27.86
CA LEU A 177 -2.41 -5.32 -27.85
C LEU A 177 -3.06 -5.22 -29.24
N LYS A 178 -4.38 -5.27 -29.27
CA LYS A 178 -5.13 -4.99 -30.49
C LYS A 178 -5.00 -3.51 -30.85
N ASP A 179 -5.07 -3.20 -32.15
CA ASP A 179 -4.93 -1.84 -32.65
C ASP A 179 -5.90 -0.79 -32.06
N ASP A 180 -7.04 -1.23 -31.55
CA ASP A 180 -7.99 -0.29 -30.95
C ASP A 180 -7.90 -0.26 -29.42
N GLN A 181 -6.86 -0.86 -28.86
CA GLN A 181 -6.71 -0.88 -27.41
C GLN A 181 -5.36 -0.34 -26.96
N LEU A 182 -4.73 0.45 -27.83
CA LEU A 182 -3.41 1.01 -27.53
C LEU A 182 -3.37 2.05 -26.41
N GLU A 183 -4.54 2.48 -25.94
CA GLU A 183 -4.61 3.43 -24.85
C GLU A 183 -3.94 2.88 -23.59
N TYR A 184 -3.79 1.55 -23.54
CA TYR A 184 -3.21 0.89 -22.37
C TYR A 184 -1.69 0.90 -22.41
N LEU A 185 -1.13 1.52 -23.45
CA LEU A 185 0.30 1.82 -23.51
C LEU A 185 0.62 3.16 -22.83
N GLU A 186 -0.42 3.96 -22.55
CA GLU A 186 -0.23 5.34 -22.09
C GLU A 186 -0.15 5.48 -20.58
N GLU A 187 0.88 6.18 -20.11
CA GLU A 187 1.12 6.32 -18.67
C GLU A 187 -0.11 6.79 -17.90
N LYS A 188 -0.78 7.82 -18.42
CA LYS A 188 -1.92 8.41 -17.72
C LYS A 188 -3.08 7.43 -17.59
N ARG A 189 -3.43 6.76 -18.69
CA ARG A 189 -4.47 5.74 -18.67
C ARG A 189 -4.15 4.58 -17.72
N ILE A 190 -2.93 4.06 -17.79
CA ILE A 190 -2.51 2.99 -16.90
C ILE A 190 -2.69 3.41 -15.45
N LYS A 191 -2.19 4.61 -15.10
CA LYS A 191 -2.37 5.13 -13.76
C LYS A 191 -3.85 5.19 -13.36
N GLU A 192 -4.70 5.66 -14.25
CA GLU A 192 -6.12 5.78 -13.95
C GLU A 192 -6.74 4.44 -13.56
N VAL A 193 -6.45 3.41 -14.36
CA VAL A 193 -7.02 2.10 -14.16
C VAL A 193 -6.54 1.51 -12.84
N ILE A 194 -5.26 1.71 -12.54
CA ILE A 194 -4.74 1.21 -11.27
C ILE A 194 -5.46 1.86 -10.10
N LYS A 195 -5.62 3.18 -10.15
CA LYS A 195 -6.26 3.91 -9.05
C LYS A 195 -7.71 3.49 -8.82
N ARG A 196 -8.42 3.25 -9.92
CA ARG A 196 -9.81 2.82 -9.85
C ARG A 196 -10.00 1.40 -9.34
N HIS A 197 -9.15 0.46 -9.77
CA HIS A 197 -9.42 -0.96 -9.51
C HIS A 197 -8.42 -1.67 -8.63
N SER A 198 -7.26 -1.08 -8.43
CA SER A 198 -6.22 -1.77 -7.69
C SER A 198 -5.68 -0.89 -6.57
N GLU A 199 -6.61 -0.32 -5.80
CA GLU A 199 -6.26 0.60 -4.72
C GLU A 199 -5.47 -0.11 -3.62
N PHE A 200 -5.88 -1.32 -3.27
CA PHE A 200 -5.30 -2.03 -2.13
C PHE A 200 -4.39 -3.19 -2.54
N VAL A 201 -3.11 -2.90 -2.77
CA VAL A 201 -2.12 -3.92 -3.11
C VAL A 201 -0.95 -3.80 -2.15
N ALA A 202 -0.43 -4.93 -1.69
CA ALA A 202 0.60 -4.95 -0.65
C ALA A 202 2.00 -4.76 -1.22
N TYR A 203 2.10 -4.73 -2.54
CA TYR A 203 3.39 -4.66 -3.20
C TYR A 203 3.47 -3.41 -4.04
N PRO A 204 4.69 -2.87 -4.20
CA PRO A 204 4.91 -1.71 -5.07
C PRO A 204 4.47 -2.06 -6.48
N ILE A 205 3.69 -1.18 -7.11
CA ILE A 205 3.42 -1.29 -8.54
C ILE A 205 4.25 -0.25 -9.30
N GLN A 206 5.26 -0.72 -10.02
CA GLN A 206 6.19 0.14 -10.73
C GLN A 206 5.74 0.29 -12.18
N LEU A 207 5.83 1.49 -12.73
CA LEU A 207 5.49 1.72 -14.13
C LEU A 207 6.74 2.24 -14.85
N VAL A 208 7.12 1.56 -15.93
CA VAL A 208 8.33 1.89 -16.68
C VAL A 208 7.99 2.79 -17.86
N VAL A 209 8.50 4.01 -17.84
CA VAL A 209 8.13 5.01 -18.83
C VAL A 209 9.36 5.40 -19.63
N THR A 210 9.22 5.44 -20.94
CA THR A 210 10.34 5.73 -21.81
C THR A 210 10.13 7.11 -22.41
N LYS A 211 11.02 8.04 -22.09
CA LYS A 211 10.91 9.43 -22.53
C LYS A 211 12.10 9.86 -23.37
N GLU A 212 11.86 10.59 -24.45
CA GLU A 212 12.96 11.13 -25.25
C GLU A 212 13.59 12.30 -24.52
N VAL A 213 14.92 12.33 -24.49
CA VAL A 213 15.63 13.43 -23.85
C VAL A 213 15.74 14.57 -24.86
N GLU A 214 15.15 15.70 -24.52
CA GLU A 214 15.15 16.86 -25.40
C GLU A 214 16.10 17.94 -24.90
N MET B 1 -28.13 -5.43 29.12
CA MET B 1 -28.39 -6.64 28.37
C MET B 1 -27.93 -7.89 29.11
N ALA B 2 -28.77 -8.92 29.08
CA ALA B 2 -28.39 -10.20 29.66
C ALA B 2 -27.34 -10.85 28.76
N SER B 3 -26.24 -11.27 29.36
CA SER B 3 -25.22 -12.02 28.63
C SER B 3 -25.68 -13.46 28.49
N GLU B 4 -25.16 -14.15 27.48
CA GLU B 4 -25.30 -15.59 27.37
C GLU B 4 -23.92 -16.19 27.54
N THR B 5 -23.86 -17.33 28.23
CA THR B 5 -22.60 -17.98 28.51
C THR B 5 -22.51 -19.30 27.75
N PHE B 6 -21.35 -19.53 27.12
CA PHE B 6 -21.11 -20.73 26.33
C PHE B 6 -19.82 -21.41 26.75
N GLU B 7 -19.72 -22.71 26.48
CA GLU B 7 -18.51 -23.46 26.78
C GLU B 7 -17.63 -23.55 25.55
N PHE B 8 -16.32 -23.38 25.75
CA PHE B 8 -15.37 -23.55 24.66
C PHE B 8 -15.24 -25.02 24.36
N GLN B 9 -15.00 -25.38 23.10
CA GLN B 9 -14.48 -26.72 22.84
C GLN B 9 -13.23 -26.92 23.69
N ALA B 10 -13.09 -28.09 24.33
CA ALA B 10 -12.02 -28.33 25.31
C ALA B 10 -10.60 -28.01 24.80
N GLU B 11 -10.34 -28.31 23.52
CA GLU B 11 -9.03 -28.08 22.93
C GLU B 11 -8.69 -26.59 22.93
N ILE B 12 -9.71 -25.75 22.70
CA ILE B 12 -9.47 -24.31 22.65
C ILE B 12 -9.05 -23.83 24.03
N THR B 13 -9.76 -24.31 25.06
CA THR B 13 -9.47 -23.93 26.43
C THR B 13 -8.03 -24.29 26.82
N GLN B 14 -7.59 -25.44 26.33
CA GLN B 14 -6.26 -25.93 26.64
C GLN B 14 -5.20 -25.01 26.04
N LEU B 15 -5.41 -24.61 24.79
CA LEU B 15 -4.48 -23.72 24.11
C LEU B 15 -4.41 -22.36 24.77
N MET B 16 -5.56 -21.85 25.20
CA MET B 16 -5.58 -20.55 25.86
C MET B 16 -4.78 -20.57 27.15
N SER B 17 -4.94 -21.66 27.92
CA SER B 17 -4.22 -21.82 29.18
C SER B 17 -2.71 -21.91 28.95
N LEU B 18 -2.34 -22.59 27.87
CA LEU B 18 -0.94 -22.71 27.49
C LEU B 18 -0.37 -21.34 27.13
N ILE B 19 -1.12 -20.61 26.31
CA ILE B 19 -0.63 -19.34 25.80
C ILE B 19 -0.55 -18.30 26.90
N ILE B 20 -1.56 -18.25 27.78
CA ILE B 20 -1.58 -17.19 28.79
C ILE B 20 -0.49 -17.43 29.83
N ASN B 21 -0.06 -18.69 29.94
CA ASN B 21 0.93 -19.08 30.96
C ASN B 21 2.36 -19.24 30.44
N THR B 22 2.53 -19.32 29.13
CA THR B 22 3.85 -19.63 28.58
C THR B 22 4.86 -18.53 28.85
N VAL B 23 6.11 -18.94 29.03
CA VAL B 23 7.21 -17.99 29.23
C VAL B 23 7.89 -17.67 27.90
N TYR B 24 7.26 -18.09 26.80
CA TYR B 24 7.78 -17.82 25.46
C TYR B 24 8.27 -16.36 25.37
N SER B 25 9.42 -16.16 24.74
CA SER B 25 10.10 -14.87 24.81
C SER B 25 9.49 -13.78 23.96
N ASN B 26 9.18 -14.12 22.71
CA ASN B 26 8.80 -13.14 21.70
C ASN B 26 7.31 -12.80 21.70
N LYS B 27 6.86 -12.20 22.79
CA LYS B 27 5.42 -11.94 22.96
C LYS B 27 4.89 -11.01 21.87
N GLU B 28 5.77 -10.18 21.29
CA GLU B 28 5.34 -9.17 20.33
C GLU B 28 4.75 -9.77 19.05
N ILE B 29 4.93 -11.06 18.81
CA ILE B 29 4.36 -11.71 17.63
C ILE B 29 2.81 -11.64 17.59
N PHE B 30 2.19 -11.40 18.75
CA PHE B 30 0.73 -11.35 18.79
C PHE B 30 0.19 -10.32 17.78
N LEU B 31 0.87 -9.18 17.67
CA LEU B 31 0.38 -8.09 16.84
C LEU B 31 0.32 -8.44 15.35
N ARG B 32 1.34 -9.15 14.86
CA ARG B 32 1.33 -9.62 13.47
C ARG B 32 0.10 -10.50 13.17
N GLU B 33 -0.18 -11.40 14.10
CA GLU B 33 -1.32 -12.31 13.95
C GLU B 33 -2.63 -11.53 13.89
N LEU B 34 -2.76 -10.51 14.73
CA LEU B 34 -4.02 -9.76 14.77
C LEU B 34 -4.17 -8.87 13.54
N ILE B 35 -3.06 -8.29 13.09
CA ILE B 35 -3.08 -7.50 11.88
C ILE B 35 -3.38 -8.38 10.68
N SER B 36 -2.76 -9.56 10.64
CA SER B 36 -3.10 -10.55 9.61
C SER B 36 -4.59 -10.90 9.62
N ASN B 37 -5.18 -11.18 10.80
CA ASN B 37 -6.62 -11.45 10.82
C ASN B 37 -7.42 -10.25 10.30
N ALA B 38 -7.00 -9.05 10.69
CA ALA B 38 -7.69 -7.85 10.25
C ALA B 38 -7.64 -7.72 8.72
N SER B 39 -6.44 -7.92 8.18
CA SER B 39 -6.23 -7.87 6.74
C SER B 39 -7.13 -8.90 6.04
N ASP B 40 -7.17 -10.12 6.58
CA ASP B 40 -8.07 -11.15 6.04
C ASP B 40 -9.52 -10.71 6.00
N ALA B 41 -9.99 -10.08 7.09
CA ALA B 41 -11.39 -9.66 7.14
C ALA B 41 -11.68 -8.56 6.15
N LEU B 42 -10.71 -7.66 5.95
CA LEU B 42 -10.83 -6.61 4.94
C LEU B 42 -10.81 -7.21 3.52
N ASP B 43 -9.94 -8.19 3.30
CA ASP B 43 -9.95 -8.91 2.02
C ASP B 43 -11.37 -9.39 1.72
N LYS B 44 -12.00 -9.98 2.74
CA LYS B 44 -13.32 -10.60 2.56
C LYS B 44 -14.41 -9.60 2.19
N ILE B 45 -14.44 -8.44 2.86
CA ILE B 45 -15.49 -7.48 2.53
C ILE B 45 -15.19 -6.82 1.18
N ARG B 46 -13.91 -6.65 0.86
CA ARG B 46 -13.56 -6.11 -0.46
C ARG B 46 -14.01 -7.08 -1.56
N TYR B 47 -13.73 -8.35 -1.39
CA TYR B 47 -14.13 -9.37 -2.37
C TYR B 47 -15.64 -9.46 -2.49
N LYS B 48 -16.31 -9.44 -1.33
CA LYS B 48 -17.77 -9.49 -1.32
C LYS B 48 -18.37 -8.29 -2.04
N SER B 49 -17.70 -7.15 -1.92
CA SER B 49 -18.24 -5.90 -2.47
C SER B 49 -18.18 -5.85 -3.98
N LEU B 50 -17.33 -6.70 -4.57
CA LEU B 50 -17.25 -6.82 -6.03
C LEU B 50 -18.59 -7.26 -6.64
N SER B 51 -19.32 -8.12 -5.94
CA SER B 51 -20.62 -8.59 -6.42
C SER B 51 -21.81 -7.97 -5.67
N ASP B 52 -21.53 -7.21 -4.61
CA ASP B 52 -22.56 -6.58 -3.80
C ASP B 52 -21.98 -5.30 -3.20
N PRO B 53 -21.82 -4.25 -4.04
CA PRO B 53 -21.18 -2.98 -3.64
C PRO B 53 -21.82 -2.32 -2.43
N LYS B 54 -23.13 -2.49 -2.25
CA LYS B 54 -23.82 -1.83 -1.15
C LYS B 54 -23.35 -2.33 0.22
N GLN B 55 -22.70 -3.49 0.23
CA GLN B 55 -22.15 -4.02 1.47
C GLN B 55 -21.12 -3.06 2.08
N LEU B 56 -20.51 -2.24 1.22
CA LEU B 56 -19.48 -1.29 1.66
C LEU B 56 -20.04 -0.06 2.35
N GLU B 57 -21.31 0.25 2.11
CA GLU B 57 -21.86 1.54 2.52
C GLU B 57 -21.92 1.74 4.03
N THR B 58 -21.94 0.65 4.78
CA THR B 58 -21.99 0.77 6.24
C THR B 58 -20.68 1.32 6.79
N GLU B 59 -19.66 1.34 5.94
CA GLU B 59 -18.35 1.86 6.31
C GLU B 59 -17.43 1.80 5.08
N PRO B 60 -17.47 2.87 4.27
CA PRO B 60 -16.76 2.95 2.99
C PRO B 60 -15.24 2.85 3.08
N ASP B 61 -14.66 3.24 4.20
CA ASP B 61 -13.21 3.25 4.33
C ASP B 61 -12.70 1.92 4.85
N LEU B 62 -11.71 1.36 4.15
CA LEU B 62 -11.09 0.11 4.56
C LEU B 62 -9.80 0.43 5.30
N PHE B 63 -9.74 0.06 6.57
CA PHE B 63 -8.57 0.41 7.36
C PHE B 63 -8.33 -0.57 8.51
N ILE B 64 -7.11 -0.58 9.00
CA ILE B 64 -6.78 -1.22 10.25
C ILE B 64 -6.39 -0.06 11.17
N ARG B 65 -6.88 -0.06 12.40
CA ARG B 65 -6.64 1.06 13.31
C ARG B 65 -6.29 0.55 14.70
N ILE B 66 -5.18 1.02 15.23
CA ILE B 66 -4.71 0.57 16.52
C ILE B 66 -4.82 1.73 17.50
N THR B 67 -5.52 1.52 18.61
CA THR B 67 -5.75 2.57 19.59
C THR B 67 -5.37 2.13 21.00
N PRO B 68 -4.21 2.60 21.49
CA PRO B 68 -3.87 2.37 22.89
C PRO B 68 -4.72 3.23 23.83
N LYS B 69 -5.12 2.64 24.95
CA LYS B 69 -5.94 3.32 25.94
C LYS B 69 -5.28 3.13 27.31
N PRO B 70 -4.19 3.89 27.56
CA PRO B 70 -3.29 3.76 28.71
C PRO B 70 -4.01 3.73 30.06
N GLU B 71 -4.98 4.61 30.27
CA GLU B 71 -5.69 4.64 31.55
C GLU B 71 -6.32 3.28 31.86
N GLN B 72 -6.86 2.64 30.82
CA GLN B 72 -7.57 1.39 30.98
C GLN B 72 -6.65 0.18 30.85
N LYS B 73 -5.37 0.42 30.59
CA LYS B 73 -4.42 -0.64 30.29
C LYS B 73 -4.97 -1.49 29.16
N VAL B 74 -5.50 -0.81 28.15
CA VAL B 74 -6.14 -1.49 27.02
C VAL B 74 -5.50 -1.15 25.69
N LEU B 75 -5.42 -2.14 24.81
CA LEU B 75 -4.99 -1.93 23.44
C LEU B 75 -6.05 -2.43 22.47
N GLU B 76 -6.56 -1.55 21.62
CA GLU B 76 -7.60 -1.95 20.68
C GLU B 76 -7.05 -2.08 19.28
N ILE B 77 -7.41 -3.16 18.59
CA ILE B 77 -7.06 -3.34 17.20
C ILE B 77 -8.36 -3.45 16.42
N ARG B 78 -8.60 -2.49 15.55
CA ARG B 78 -9.89 -2.36 14.89
C ARG B 78 -9.72 -2.53 13.39
N ASP B 79 -10.70 -3.14 12.74
CA ASP B 79 -10.71 -3.13 11.30
C ASP B 79 -12.13 -2.91 10.81
N SER B 80 -12.25 -2.45 9.58
CA SER B 80 -13.56 -2.28 8.96
C SER B 80 -13.83 -3.44 7.98
N GLY B 81 -13.40 -4.63 8.37
CA GLY B 81 -13.63 -5.82 7.56
C GLY B 81 -15.07 -6.27 7.57
N ILE B 82 -15.28 -7.53 7.20
CA ILE B 82 -16.64 -8.01 6.98
C ILE B 82 -17.43 -8.20 8.29
N GLY B 83 -16.74 -8.31 9.41
CA GLY B 83 -17.43 -8.46 10.68
C GLY B 83 -17.94 -9.87 10.94
N MET B 84 -18.56 -10.05 12.10
CA MET B 84 -19.16 -11.35 12.49
C MET B 84 -20.52 -11.14 13.14
N THR B 85 -21.51 -11.93 12.75
CA THR B 85 -22.81 -11.95 13.42
C THR B 85 -22.67 -12.63 14.78
N LYS B 86 -23.74 -12.60 15.56
CA LYS B 86 -23.70 -13.30 16.84
C LYS B 86 -23.30 -14.77 16.66
N ALA B 87 -23.96 -15.45 15.73
CA ALA B 87 -23.70 -16.87 15.50
C ALA B 87 -22.27 -17.13 15.03
N GLU B 88 -21.74 -16.22 14.21
CA GLU B 88 -20.36 -16.32 13.75
C GLU B 88 -19.34 -16.11 14.88
N LEU B 89 -19.62 -15.17 15.78
CA LEU B 89 -18.75 -15.01 16.96
C LEU B 89 -18.67 -16.32 17.75
N ILE B 90 -19.83 -16.87 18.07
CA ILE B 90 -19.90 -18.12 18.82
C ILE B 90 -19.16 -19.24 18.10
N ASN B 91 -19.46 -19.40 16.82
CA ASN B 91 -18.91 -20.50 16.04
C ASN B 91 -17.42 -20.34 15.75
N ASN B 92 -17.02 -19.16 15.30
CA ASN B 92 -15.62 -18.90 14.92
C ASN B 92 -14.65 -18.92 16.07
N LEU B 93 -15.08 -18.40 17.21
CA LEU B 93 -14.15 -18.17 18.32
C LEU B 93 -14.28 -19.25 19.38
N GLY B 94 -15.40 -19.97 19.38
CA GLY B 94 -15.71 -20.89 20.45
C GLY B 94 -15.70 -22.36 20.04
N THR B 95 -15.72 -22.62 18.73
CA THR B 95 -15.94 -23.97 18.24
C THR B 95 -14.98 -24.40 17.11
N ILE B 96 -14.98 -23.65 16.02
CA ILE B 96 -14.27 -24.05 14.81
C ILE B 96 -12.76 -24.19 14.99
N ALA B 97 -12.22 -23.45 15.96
CA ALA B 97 -10.77 -23.45 16.18
C ALA B 97 -10.31 -24.73 16.88
N LYS B 98 -11.27 -25.59 17.22
CA LYS B 98 -10.99 -26.84 17.92
C LYS B 98 -9.85 -27.61 17.28
N SER B 99 -9.98 -27.90 15.98
CA SER B 99 -9.01 -28.75 15.27
C SER B 99 -7.65 -28.08 15.13
N GLY B 100 -7.68 -26.82 14.69
CA GLY B 100 -6.45 -26.09 14.52
C GLY B 100 -5.67 -26.03 15.82
N THR B 101 -6.38 -25.82 16.94
CA THR B 101 -5.68 -25.67 18.22
C THR B 101 -5.01 -26.99 18.62
N LYS B 102 -5.71 -28.10 18.36
CA LYS B 102 -5.15 -29.42 18.66
C LYS B 102 -3.87 -29.71 17.86
N ALA B 103 -3.93 -29.51 16.55
CA ALA B 103 -2.78 -29.78 15.69
C ALA B 103 -1.59 -28.86 16.03
N PHE B 104 -1.89 -27.60 16.33
CA PHE B 104 -0.87 -26.64 16.69
C PHE B 104 -0.17 -27.09 17.97
N MET B 105 -0.98 -27.54 18.94
CA MET B 105 -0.44 -27.99 20.21
C MET B 105 0.46 -29.23 20.03
N GLU B 106 0.10 -30.08 19.07
CA GLU B 106 0.89 -31.26 18.74
C GLU B 106 2.23 -30.82 18.17
N ALA B 107 2.22 -29.85 17.25
CA ALA B 107 3.45 -29.29 16.73
C ALA B 107 4.32 -28.67 17.84
N LEU B 108 3.71 -27.88 18.71
CA LEU B 108 4.44 -27.28 19.83
C LEU B 108 5.10 -28.37 20.68
N SER B 109 4.36 -29.43 20.98
CA SER B 109 4.92 -30.54 21.77
C SER B 109 6.20 -31.08 21.12
N ALA B 110 6.25 -31.04 19.80
CA ALA B 110 7.39 -31.55 19.03
C ALA B 110 8.50 -30.51 18.86
N GLY B 111 8.22 -29.25 19.17
CA GLY B 111 9.24 -28.22 19.14
C GLY B 111 9.02 -27.03 18.23
N ALA B 112 7.86 -26.98 17.57
CA ALA B 112 7.50 -25.81 16.76
C ALA B 112 7.52 -24.54 17.59
N ASP B 113 7.75 -23.41 16.92
CA ASP B 113 7.82 -22.13 17.63
C ASP B 113 6.42 -21.61 17.85
N VAL B 114 6.19 -20.93 18.98
CA VAL B 114 4.88 -20.32 19.21
C VAL B 114 4.49 -19.43 18.01
N SER B 115 5.49 -18.88 17.34
CA SER B 115 5.22 -17.92 16.26
C SER B 115 4.61 -18.58 15.03
N MET B 116 4.52 -19.91 15.04
CA MET B 116 3.94 -20.63 13.91
C MET B 116 2.40 -20.69 14.01
N ILE B 117 1.87 -20.19 15.13
CA ILE B 117 0.44 -20.29 15.44
C ILE B 117 -0.51 -19.90 14.29
N GLY B 118 -0.14 -18.89 13.52
CA GLY B 118 -0.97 -18.41 12.42
C GLY B 118 -1.11 -19.43 11.29
N GLN B 119 -0.10 -20.28 11.17
CA GLN B 119 -0.10 -21.27 10.11
C GLN B 119 -1.09 -22.41 10.41
N PHE B 120 -1.51 -22.49 11.67
CA PHE B 120 -2.58 -23.42 12.06
C PHE B 120 -3.95 -22.76 12.08
N GLY B 121 -4.03 -21.50 11.64
CA GLY B 121 -5.30 -20.80 11.57
C GLY B 121 -5.89 -20.41 12.90
N VAL B 122 -5.07 -20.40 13.94
CA VAL B 122 -5.55 -20.02 15.27
C VAL B 122 -4.76 -18.89 15.92
N GLY B 123 -4.22 -17.99 15.09
CA GLY B 123 -3.42 -16.87 15.55
C GLY B 123 -4.14 -15.94 16.51
N PHE B 124 -5.45 -15.90 16.41
CA PHE B 124 -6.25 -15.09 17.33
C PHE B 124 -5.83 -15.31 18.78
N TYR B 125 -5.60 -16.57 19.16
CA TYR B 125 -5.37 -16.90 20.56
C TYR B 125 -4.00 -16.44 21.07
N SER B 126 -3.12 -16.03 20.17
CA SER B 126 -1.84 -15.45 20.57
C SER B 126 -1.98 -14.17 21.41
N LEU B 127 -3.16 -13.54 21.39
CA LEU B 127 -3.36 -12.32 22.17
C LEU B 127 -3.11 -12.59 23.65
N PHE B 128 -3.25 -13.84 24.06
CA PHE B 128 -3.06 -14.16 25.48
C PHE B 128 -1.58 -14.15 25.91
N LEU B 129 -0.68 -13.95 24.96
CA LEU B 129 0.72 -13.68 25.27
C LEU B 129 0.85 -12.36 26.04
N VAL B 130 0.03 -11.36 25.68
CA VAL B 130 0.16 -10.04 26.28
C VAL B 130 -1.06 -9.59 27.11
N ALA B 131 -2.16 -10.33 27.01
CA ALA B 131 -3.42 -9.91 27.62
C ALA B 131 -4.01 -11.03 28.46
N ASP B 132 -4.69 -10.69 29.55
CA ASP B 132 -5.37 -11.76 30.30
C ASP B 132 -6.88 -11.77 30.07
N ARG B 133 -7.34 -10.89 29.20
CA ARG B 133 -8.78 -10.80 28.93
C ARG B 133 -8.96 -10.10 27.59
N VAL B 134 -9.99 -10.51 26.86
CA VAL B 134 -10.28 -9.90 25.56
C VAL B 134 -11.78 -9.71 25.36
N GLN B 135 -12.15 -8.56 24.81
CA GLN B 135 -13.50 -8.40 24.27
C GLN B 135 -13.40 -8.26 22.76
N VAL B 136 -14.13 -9.10 22.05
CA VAL B 136 -14.27 -8.95 20.61
C VAL B 136 -15.63 -8.34 20.32
N ILE B 137 -15.58 -7.14 19.75
CA ILE B 137 -16.78 -6.36 19.46
C ILE B 137 -16.91 -6.41 17.96
N SER B 138 -18.07 -6.85 17.46
CA SER B 138 -18.18 -7.07 16.03
C SER B 138 -19.54 -6.66 15.50
N LYS B 139 -19.50 -6.09 14.29
CA LYS B 139 -20.68 -5.67 13.58
C LYS B 139 -20.59 -6.16 12.15
N SER B 140 -21.43 -7.13 11.82
CA SER B 140 -21.56 -7.60 10.45
C SER B 140 -22.78 -6.92 9.88
N ASN B 141 -22.82 -6.71 8.57
CA ASN B 141 -24.00 -6.13 7.95
C ASN B 141 -25.25 -6.98 8.21
N ASP B 142 -25.04 -8.25 8.55
CA ASP B 142 -26.16 -9.18 8.73
C ASP B 142 -26.75 -9.25 10.13
N ASP B 143 -26.23 -8.49 11.09
CA ASP B 143 -26.71 -8.64 12.46
C ASP B 143 -26.48 -7.34 13.22
N GLU B 144 -26.93 -7.29 14.47
CA GLU B 144 -26.65 -6.18 15.36
C GLU B 144 -25.22 -6.30 15.90
N GLN B 145 -24.74 -5.26 16.57
CA GLN B 145 -23.41 -5.29 17.16
C GLN B 145 -23.41 -6.15 18.43
N TYR B 146 -22.41 -7.02 18.56
CA TYR B 146 -22.30 -7.93 19.70
C TYR B 146 -20.89 -7.90 20.33
N ILE B 147 -20.82 -8.32 21.58
CA ILE B 147 -19.57 -8.41 22.33
C ILE B 147 -19.34 -9.84 22.76
N TRP B 148 -18.18 -10.38 22.38
CA TRP B 148 -17.75 -11.72 22.78
C TRP B 148 -16.64 -11.49 23.78
N GLU B 149 -16.71 -12.15 24.94
CA GLU B 149 -15.68 -11.91 25.95
C GLU B 149 -15.11 -13.21 26.54
N SER B 150 -13.78 -13.24 26.69
CA SER B 150 -13.08 -14.39 27.24
C SER B 150 -11.91 -13.97 28.14
N ASN B 151 -11.71 -14.74 29.21
CA ASN B 151 -10.57 -14.53 30.10
C ASN B 151 -9.67 -15.77 30.11
N ALA B 152 -9.65 -16.49 29.00
CA ALA B 152 -8.86 -17.72 28.83
C ALA B 152 -9.42 -18.94 29.58
N GLY B 153 -10.49 -18.72 30.35
CA GLY B 153 -11.17 -19.80 31.04
C GLY B 153 -12.01 -20.63 30.09
N GLY B 154 -12.69 -21.64 30.62
CA GLY B 154 -13.47 -22.56 29.81
C GLY B 154 -14.79 -22.04 29.26
N SER B 155 -15.19 -20.82 29.66
CA SER B 155 -16.44 -20.27 29.18
C SER B 155 -16.26 -18.87 28.59
N PHE B 156 -17.11 -18.51 27.62
CA PHE B 156 -17.14 -17.14 27.12
C PHE B 156 -18.56 -16.60 27.17
N THR B 157 -18.69 -15.28 27.11
CA THR B 157 -20.01 -14.69 27.08
C THR B 157 -20.21 -13.98 25.76
N VAL B 158 -21.47 -13.88 25.35
CA VAL B 158 -21.82 -13.06 24.21
C VAL B 158 -22.99 -12.18 24.62
N THR B 159 -22.86 -10.89 24.35
CA THR B 159 -23.84 -9.91 24.80
C THR B 159 -24.16 -8.93 23.68
N LEU B 160 -25.44 -8.64 23.49
CA LEU B 160 -25.85 -7.59 22.57
C LEU B 160 -25.22 -6.27 23.04
N ASP B 161 -24.58 -5.54 22.12
CA ASP B 161 -23.78 -4.40 22.50
C ASP B 161 -24.61 -3.13 22.64
N GLU B 162 -24.80 -2.71 23.89
CA GLU B 162 -25.42 -1.41 24.15
C GLU B 162 -24.48 -0.48 24.91
N VAL B 163 -23.17 -0.73 24.81
CA VAL B 163 -22.22 0.04 25.63
C VAL B 163 -20.98 0.59 24.90
N ASN B 164 -20.67 0.05 23.73
CA ASN B 164 -19.50 0.54 22.97
C ASN B 164 -19.89 1.49 21.84
N GLU B 165 -18.93 2.25 21.33
CA GLU B 165 -19.16 3.06 20.13
C GLU B 165 -19.71 2.17 19.02
N ARG B 166 -20.56 2.73 18.16
CA ARG B 166 -21.04 1.99 17.01
C ARG B 166 -19.88 1.90 16.04
N ILE B 167 -19.60 0.69 15.58
CA ILE B 167 -18.73 0.61 14.43
C ILE B 167 -19.70 0.44 13.27
N GLY B 168 -19.41 1.04 12.14
CA GLY B 168 -20.30 0.88 11.00
C GLY B 168 -20.28 -0.58 10.59
N ARG B 169 -19.09 -1.17 10.57
CA ARG B 169 -18.91 -2.56 10.15
C ARG B 169 -17.50 -2.98 10.54
N GLY B 170 -17.35 -4.24 10.95
CA GLY B 170 -16.02 -4.78 11.20
C GLY B 170 -15.89 -5.30 12.62
N THR B 171 -14.66 -5.25 13.13
CA THR B 171 -14.36 -5.90 14.38
C THR B 171 -13.33 -5.12 15.18
N ILE B 172 -13.56 -5.04 16.48
CA ILE B 172 -12.56 -4.53 17.41
C ILE B 172 -12.11 -5.64 18.35
N LEU B 173 -10.80 -5.83 18.42
CA LEU B 173 -10.23 -6.63 19.49
C LEU B 173 -9.73 -5.69 20.58
N ARG B 174 -10.39 -5.77 21.74
CA ARG B 174 -10.02 -4.95 22.89
C ARG B 174 -9.24 -5.85 23.84
N LEU B 175 -7.92 -5.63 23.88
CA LEU B 175 -7.04 -6.41 24.73
C LEU B 175 -6.81 -5.73 26.08
N PHE B 176 -7.09 -6.47 27.15
CA PHE B 176 -6.78 -6.02 28.50
C PHE B 176 -5.40 -6.54 28.86
N LEU B 177 -4.41 -5.66 28.72
CA LEU B 177 -3.01 -6.06 28.80
C LEU B 177 -2.58 -6.51 30.19
N LYS B 178 -1.70 -7.51 30.24
CA LYS B 178 -1.09 -7.94 31.49
C LYS B 178 -0.25 -6.80 32.11
N ASP B 179 -0.15 -6.78 33.43
CA ASP B 179 0.57 -5.70 34.12
C ASP B 179 2.02 -5.51 33.66
N ASP B 180 2.63 -6.56 33.12
CA ASP B 180 4.03 -6.46 32.71
C ASP B 180 4.19 -6.25 31.21
N GLN B 181 3.09 -6.00 30.50
CA GLN B 181 3.15 -5.87 29.05
C GLN B 181 2.66 -4.52 28.56
N LEU B 182 2.73 -3.51 29.41
CA LEU B 182 2.20 -2.19 29.11
C LEU B 182 3.06 -1.45 28.09
N GLU B 183 4.18 -2.05 27.73
CA GLU B 183 5.00 -1.48 26.66
C GLU B 183 4.20 -1.36 25.37
N TYR B 184 3.19 -2.21 25.19
CA TYR B 184 2.44 -2.19 23.93
C TYR B 184 1.40 -1.07 23.84
N LEU B 185 1.37 -0.21 24.86
CA LEU B 185 0.58 1.01 24.82
C LEU B 185 1.38 2.15 24.18
N GLU B 186 2.69 1.95 24.06
CA GLU B 186 3.62 3.01 23.63
C GLU B 186 3.72 3.14 22.12
N GLU B 187 3.53 4.36 21.63
CA GLU B 187 3.57 4.65 20.20
C GLU B 187 4.85 4.15 19.52
N LYS B 188 6.00 4.40 20.13
CA LYS B 188 7.27 3.99 19.53
C LYS B 188 7.34 2.48 19.40
N ARG B 189 7.01 1.79 20.49
CA ARG B 189 7.04 0.33 20.53
C ARG B 189 6.08 -0.29 19.50
N ILE B 190 4.86 0.22 19.45
CA ILE B 190 3.89 -0.27 18.46
C ILE B 190 4.40 -0.10 17.04
N LYS B 191 4.95 1.07 16.74
CA LYS B 191 5.42 1.32 15.38
C LYS B 191 6.53 0.37 14.99
N GLU B 192 7.43 0.10 15.94
CA GLU B 192 8.55 -0.78 15.62
C GLU B 192 8.12 -2.23 15.43
N VAL B 193 7.11 -2.67 16.18
CA VAL B 193 6.57 -4.02 15.98
C VAL B 193 5.87 -4.13 14.62
N ILE B 194 5.07 -3.11 14.29
CA ILE B 194 4.41 -3.07 13.00
C ILE B 194 5.40 -3.09 11.85
N LYS B 195 6.43 -2.25 11.94
CA LYS B 195 7.42 -2.17 10.87
C LYS B 195 8.15 -3.49 10.65
N ARG B 196 8.54 -4.14 11.76
CA ARG B 196 9.27 -5.40 11.70
C ARG B 196 8.50 -6.56 11.07
N HIS B 197 7.24 -6.74 11.46
CA HIS B 197 6.54 -7.98 11.15
C HIS B 197 5.35 -7.86 10.20
N SER B 198 4.90 -6.64 9.94
CA SER B 198 3.70 -6.45 9.14
C SER B 198 3.97 -5.53 7.95
N GLU B 199 5.04 -5.82 7.22
CA GLU B 199 5.51 -4.96 6.13
C GLU B 199 4.67 -5.02 4.85
N PHE B 200 4.12 -6.19 4.54
CA PHE B 200 3.34 -6.32 3.30
C PHE B 200 1.85 -6.38 3.58
N VAL B 201 1.29 -5.26 4.01
CA VAL B 201 -0.14 -5.16 4.25
C VAL B 201 -0.75 -4.22 3.22
N ALA B 202 -1.86 -4.62 2.62
CA ALA B 202 -2.48 -3.83 1.55
C ALA B 202 -3.31 -2.64 2.04
N TYR B 203 -3.68 -2.66 3.31
CA TYR B 203 -4.56 -1.62 3.85
C TYR B 203 -3.79 -0.68 4.75
N PRO B 204 -4.23 0.58 4.85
CA PRO B 204 -3.53 1.50 5.77
C PRO B 204 -3.65 1.06 7.21
N ILE B 205 -2.52 1.05 7.92
CA ILE B 205 -2.55 0.80 9.35
C ILE B 205 -2.45 2.15 10.05
N GLN B 206 -3.51 2.53 10.75
CA GLN B 206 -3.55 3.81 11.44
C GLN B 206 -3.25 3.62 12.93
N LEU B 207 -2.54 4.58 13.50
CA LEU B 207 -2.24 4.55 14.91
C LEU B 207 -2.85 5.80 15.52
N VAL B 208 -3.68 5.61 16.55
CA VAL B 208 -4.35 6.72 17.21
C VAL B 208 -3.56 7.13 18.42
N VAL B 209 -3.00 8.34 18.41
CA VAL B 209 -2.15 8.76 19.51
C VAL B 209 -2.75 10.00 20.15
N THR B 210 -2.65 10.05 21.47
CA THR B 210 -3.17 11.16 22.23
C THR B 210 -2.01 12.03 22.73
N LYS B 211 -1.95 13.27 22.27
CA LYS B 211 -0.90 14.18 22.66
C LYS B 211 -1.44 15.35 23.48
N GLU B 212 -0.77 15.69 24.57
CA GLU B 212 -1.16 16.90 25.29
C GLU B 212 -0.72 18.15 24.53
N VAL B 213 -1.63 19.10 24.37
CA VAL B 213 -1.30 20.36 23.72
C VAL B 213 -0.48 21.20 24.70
N GLU B 214 0.77 21.48 24.33
CA GLU B 214 1.71 22.18 25.19
C GLU B 214 1.21 23.58 25.57
N MET C 1 -33.68 3.49 23.72
CA MET C 1 -34.29 3.19 22.42
C MET C 1 -35.18 4.34 21.95
N ALA C 2 -36.34 4.49 22.58
CA ALA C 2 -37.26 5.57 22.21
C ALA C 2 -36.77 6.91 22.73
N SER C 3 -36.63 7.89 21.83
CA SER C 3 -36.22 9.22 22.24
C SER C 3 -37.45 9.98 22.70
N GLU C 4 -37.23 11.04 23.46
CA GLU C 4 -38.29 11.97 23.82
C GLU C 4 -37.98 13.31 23.18
N THR C 5 -39.02 14.04 22.81
CA THR C 5 -38.84 15.31 22.15
C THR C 5 -39.37 16.44 23.02
N PHE C 6 -38.59 17.51 23.12
CA PHE C 6 -38.93 18.68 23.93
C PHE C 6 -38.81 19.96 23.11
N GLU C 7 -39.54 21.00 23.50
CA GLU C 7 -39.47 22.27 22.81
C GLU C 7 -38.51 23.19 23.53
N PHE C 8 -37.69 23.93 22.76
CA PHE C 8 -36.81 24.92 23.36
C PHE C 8 -37.64 26.11 23.83
N GLN C 9 -37.24 26.74 24.92
CA GLN C 9 -37.70 28.11 25.17
C GLN C 9 -37.47 28.95 23.91
N ALA C 10 -38.45 29.78 23.54
CA ALA C 10 -38.42 30.49 22.26
C ALA C 10 -37.16 31.33 22.04
N GLU C 11 -36.67 31.96 23.10
CA GLU C 11 -35.48 32.82 23.00
C GLU C 11 -34.26 32.01 22.57
N ILE C 12 -34.18 30.77 23.04
CA ILE C 12 -33.04 29.92 22.73
C ILE C 12 -33.03 29.60 21.25
N THR C 13 -34.20 29.24 20.73
CA THR C 13 -34.37 28.93 19.32
C THR C 13 -33.95 30.10 18.43
N GLN C 14 -34.27 31.30 18.90
CA GLN C 14 -33.97 32.52 18.17
C GLN C 14 -32.46 32.73 18.06
N LEU C 15 -31.77 32.55 19.19
CA LEU C 15 -30.32 32.68 19.22
C LEU C 15 -29.65 31.65 18.33
N MET C 16 -30.16 30.42 18.35
CA MET C 16 -29.53 29.36 17.55
C MET C 16 -29.65 29.66 16.05
N SER C 17 -30.80 30.20 15.66
CA SER C 17 -31.04 30.57 14.27
C SER C 17 -30.12 31.71 13.85
N LEU C 18 -29.94 32.67 14.76
CA LEU C 18 -29.05 33.80 14.53
C LEU C 18 -27.63 33.29 14.31
N ILE C 19 -27.20 32.40 15.22
CA ILE C 19 -25.82 31.94 15.18
C ILE C 19 -25.54 31.02 13.99
N ILE C 20 -26.46 30.12 13.67
CA ILE C 20 -26.19 29.16 12.59
C ILE C 20 -26.15 29.87 11.25
N ASN C 21 -26.83 31.02 11.18
CA ASN C 21 -26.94 31.78 9.94
C ASN C 21 -25.99 32.98 9.80
N THR C 22 -25.40 33.41 10.91
CA THR C 22 -24.60 34.64 10.90
C THR C 22 -23.35 34.55 10.02
N VAL C 23 -22.99 35.66 9.40
CA VAL C 23 -21.77 35.73 8.60
C VAL C 23 -20.60 36.24 9.43
N TYR C 24 -20.77 36.31 10.74
CA TYR C 24 -19.67 36.69 11.64
C TYR C 24 -18.35 36.03 11.23
N SER C 25 -17.28 36.82 11.20
CA SER C 25 -16.02 36.36 10.62
C SER C 25 -15.27 35.33 11.46
N ASN C 26 -15.18 35.58 12.77
CA ASN C 26 -14.28 34.84 13.64
C ASN C 26 -14.90 33.57 14.21
N LYS C 27 -15.23 32.63 13.32
CA LYS C 27 -15.95 31.43 13.74
C LYS C 27 -15.14 30.61 14.76
N GLU C 28 -13.82 30.74 14.71
CA GLU C 28 -12.95 29.94 15.57
C GLU C 28 -13.16 30.17 17.08
N ILE C 29 -13.85 31.25 17.44
CA ILE C 29 -14.09 31.53 18.86
C ILE C 29 -14.94 30.45 19.55
N PHE C 30 -15.63 29.62 18.77
CA PHE C 30 -16.48 28.58 19.35
C PHE C 30 -15.65 27.66 20.26
N LEU C 31 -14.41 27.37 19.85
CA LEU C 31 -13.60 26.40 20.59
C LEU C 31 -13.24 26.89 21.99
N ARG C 32 -12.94 28.17 22.12
CA ARG C 32 -12.63 28.75 23.43
C ARG C 32 -13.83 28.59 24.37
N GLU C 33 -15.00 28.88 23.86
CA GLU C 33 -16.23 28.74 24.64
C GLU C 33 -16.42 27.30 25.15
N LEU C 34 -16.15 26.34 24.28
CA LEU C 34 -16.41 24.96 24.64
C LEU C 34 -15.37 24.44 25.62
N ILE C 35 -14.12 24.87 25.43
CA ILE C 35 -13.04 24.51 26.35
C ILE C 35 -13.32 25.17 27.70
N SER C 36 -13.75 26.43 27.68
CA SER C 36 -14.19 27.09 28.90
C SER C 36 -15.30 26.32 29.63
N ASN C 37 -16.36 25.91 28.93
CA ASN C 37 -17.39 25.09 29.59
C ASN C 37 -16.80 23.79 30.15
N ALA C 38 -15.90 23.17 29.39
CA ALA C 38 -15.26 21.93 29.84
C ALA C 38 -14.50 22.19 31.15
N SER C 39 -13.66 23.23 31.13
CA SER C 39 -12.92 23.62 32.34
C SER C 39 -13.89 23.83 33.51
N ASP C 40 -14.98 24.54 33.27
CA ASP C 40 -15.97 24.76 34.32
C ASP C 40 -16.48 23.45 34.92
N ALA C 41 -16.78 22.47 34.07
CA ALA C 41 -17.33 21.20 34.56
C ALA C 41 -16.30 20.40 35.35
N LEU C 42 -15.04 20.51 34.95
CA LEU C 42 -13.96 19.88 35.69
C LEU C 42 -13.75 20.59 37.04
N ASP C 43 -13.81 21.91 37.05
CA ASP C 43 -13.76 22.66 38.32
C ASP C 43 -14.81 22.09 39.26
N LYS C 44 -16.03 21.90 38.74
CA LYS C 44 -17.15 21.45 39.58
C LYS C 44 -16.93 20.07 40.17
N ILE C 45 -16.42 19.11 39.37
CA ILE C 45 -16.20 17.79 39.94
C ILE C 45 -14.99 17.81 40.87
N ARG C 46 -13.99 18.63 40.56
CA ARG C 46 -12.84 18.74 41.44
C ARG C 46 -13.31 19.28 42.80
N TYR C 47 -14.12 20.33 42.78
CA TYR C 47 -14.64 20.92 44.01
C TYR C 47 -15.52 19.94 44.78
N LYS C 48 -16.41 19.25 44.06
CA LYS C 48 -17.28 18.28 44.71
C LYS C 48 -16.47 17.17 45.38
N SER C 49 -15.34 16.82 44.77
CA SER C 49 -14.56 15.68 45.26
C SER C 49 -13.86 15.98 46.58
N LEU C 50 -13.76 17.26 46.92
CA LEU C 50 -13.15 17.68 48.18
C LEU C 50 -13.95 17.18 49.38
N SER C 51 -15.27 17.17 49.24
CA SER C 51 -16.14 16.68 50.30
C SER C 51 -16.70 15.27 50.06
N ASP C 52 -16.44 14.73 48.87
CA ASP C 52 -16.96 13.41 48.49
C ASP C 52 -16.01 12.80 47.47
N PRO C 53 -14.85 12.32 47.95
CA PRO C 53 -13.76 11.82 47.08
C PRO C 53 -14.21 10.69 46.15
N LYS C 54 -15.18 9.89 46.58
CA LYS C 54 -15.63 8.77 45.76
C LYS C 54 -16.26 9.19 44.43
N GLN C 55 -16.73 10.43 44.36
CA GLN C 55 -17.29 10.96 43.12
C GLN C 55 -16.27 10.87 41.96
N LEU C 56 -14.98 10.88 42.30
CA LEU C 56 -13.92 10.81 41.29
C LEU C 56 -13.70 9.42 40.70
N GLU C 57 -14.15 8.40 41.42
CA GLU C 57 -13.75 7.04 41.07
C GLU C 57 -14.30 6.56 39.72
N THR C 58 -15.39 7.17 39.28
CA THR C 58 -15.97 6.81 37.98
C THR C 58 -15.05 7.22 36.83
N GLU C 59 -14.11 8.11 37.12
CA GLU C 59 -13.13 8.56 36.14
C GLU C 59 -12.09 9.45 36.82
N PRO C 60 -11.04 8.83 37.36
CA PRO C 60 -10.03 9.52 38.17
C PRO C 60 -9.20 10.56 37.44
N ASP C 61 -9.11 10.49 36.12
CA ASP C 61 -8.29 11.45 35.38
C ASP C 61 -9.12 12.65 34.93
N LEU C 62 -8.60 13.84 35.21
CA LEU C 62 -9.29 15.07 34.85
C LEU C 62 -8.66 15.63 33.58
N PHE C 63 -9.43 15.66 32.51
CA PHE C 63 -8.86 16.07 31.23
C PHE C 63 -9.90 16.69 30.31
N ILE C 64 -9.38 17.43 29.34
CA ILE C 64 -10.16 17.88 28.20
C ILE C 64 -9.54 17.20 27.00
N ARG C 65 -10.35 16.61 26.14
CA ARG C 65 -9.84 15.83 25.02
C ARG C 65 -10.59 16.18 23.75
N ILE C 66 -9.86 16.48 22.70
CA ILE C 66 -10.47 16.89 21.45
C ILE C 66 -10.16 15.82 20.42
N THR C 67 -11.20 15.29 19.77
CA THR C 67 -11.03 14.21 18.81
C THR C 67 -11.69 14.51 17.47
N PRO C 68 -10.88 14.87 16.45
CA PRO C 68 -11.44 15.00 15.10
C PRO C 68 -11.78 13.65 14.52
N LYS C 69 -12.94 13.56 13.85
CA LYS C 69 -13.37 12.34 13.19
C LYS C 69 -13.68 12.68 11.73
N PRO C 70 -12.63 12.85 10.92
CA PRO C 70 -12.73 13.38 9.55
C PRO C 70 -13.71 12.64 8.63
N GLU C 71 -13.79 11.32 8.71
CA GLU C 71 -14.72 10.59 7.84
C GLU C 71 -16.16 11.03 8.08
N GLN C 72 -16.48 11.28 9.35
CA GLN C 72 -17.83 11.63 9.73
C GLN C 72 -18.06 13.13 9.72
N LYS C 73 -17.02 13.88 9.35
CA LYS C 73 -17.03 15.33 9.42
C LYS C 73 -17.47 15.80 10.81
N VAL C 74 -16.89 15.16 11.82
CA VAL C 74 -17.28 15.41 13.21
C VAL C 74 -16.09 15.85 14.04
N LEU C 75 -16.34 16.74 15.00
CA LEU C 75 -15.33 17.14 15.97
C LEU C 75 -15.88 16.93 17.36
N GLU C 76 -15.19 16.13 18.18
CA GLU C 76 -15.65 15.87 19.54
C GLU C 76 -14.81 16.62 20.55
N ILE C 77 -15.49 17.23 21.53
CA ILE C 77 -14.83 17.89 22.63
C ILE C 77 -15.31 17.21 23.89
N ARG C 78 -14.41 16.53 24.58
CA ARG C 78 -14.78 15.69 25.72
C ARG C 78 -14.15 16.20 26.99
N ASP C 79 -14.86 16.07 28.11
CA ASP C 79 -14.23 16.33 29.39
C ASP C 79 -14.70 15.28 30.38
N SER C 80 -13.92 15.09 31.44
CA SER C 80 -14.34 14.20 32.52
C SER C 80 -14.86 15.02 33.70
N GLY C 81 -15.58 16.08 33.38
CA GLY C 81 -16.18 16.92 34.41
C GLY C 81 -17.34 16.24 35.10
N ILE C 82 -18.18 17.04 35.76
CA ILE C 82 -19.20 16.50 36.62
C ILE C 82 -20.35 15.83 35.86
N GLY C 83 -20.52 16.19 34.58
CA GLY C 83 -21.57 15.58 33.78
C GLY C 83 -22.94 16.15 34.07
N MET C 84 -23.94 15.66 33.33
CA MET C 84 -25.34 16.06 33.49
C MET C 84 -26.25 14.84 33.46
N THR C 85 -27.22 14.79 34.37
CA THR C 85 -28.28 13.79 34.33
C THR C 85 -29.25 14.10 33.21
N LYS C 86 -30.19 13.20 32.98
CA LYS C 86 -31.24 13.48 31.99
C LYS C 86 -31.93 14.81 32.26
N ALA C 87 -32.35 15.02 33.51
CA ALA C 87 -33.08 16.23 33.86
C ALA C 87 -32.23 17.49 33.70
N GLU C 88 -30.94 17.37 34.00
CA GLU C 88 -30.01 18.50 33.84
C GLU C 88 -29.76 18.83 32.37
N LEU C 89 -29.67 17.82 31.52
CA LEU C 89 -29.55 18.06 30.08
C LEU C 89 -30.74 18.88 29.58
N ILE C 90 -31.94 18.40 29.91
CA ILE C 90 -33.16 19.08 29.53
C ILE C 90 -33.19 20.51 30.08
N ASN C 91 -32.88 20.65 31.36
CA ASN C 91 -33.00 21.95 32.01
C ASN C 91 -31.91 22.93 31.58
N ASN C 92 -30.66 22.47 31.58
CA ASN C 92 -29.53 23.35 31.27
C ASN C 92 -29.48 23.80 29.82
N LEU C 93 -29.86 22.91 28.91
CA LEU C 93 -29.64 23.17 27.50
C LEU C 93 -30.91 23.64 26.81
N GLY C 94 -32.05 23.36 27.42
CA GLY C 94 -33.33 23.62 26.77
C GLY C 94 -34.14 24.73 27.42
N THR C 95 -33.77 25.13 28.63
CA THR C 95 -34.61 26.03 29.43
C THR C 95 -33.88 27.21 30.09
N ILE C 96 -32.86 26.92 30.91
CA ILE C 96 -32.28 27.95 31.76
C ILE C 96 -31.48 29.00 30.98
N ALA C 97 -31.09 28.66 29.75
CA ALA C 97 -30.33 29.59 28.93
C ALA C 97 -31.24 30.69 28.35
N LYS C 98 -32.54 30.55 28.59
CA LYS C 98 -33.52 31.50 28.09
C LYS C 98 -33.12 32.96 28.35
N SER C 99 -32.86 33.29 29.61
CA SER C 99 -32.58 34.69 29.98
C SER C 99 -31.26 35.18 29.37
N GLY C 100 -30.21 34.40 29.57
CA GLY C 100 -28.93 34.73 29.01
C GLY C 100 -29.03 34.99 27.51
N THR C 101 -29.80 34.18 26.79
CA THR C 101 -29.85 34.30 25.33
C THR C 101 -30.53 35.61 24.92
N LYS C 102 -31.59 35.97 25.63
CA LYS C 102 -32.29 37.23 25.38
C LYS C 102 -31.38 38.45 25.60
N ALA C 103 -30.74 38.53 26.76
CA ALA C 103 -29.87 39.67 27.06
C ALA C 103 -28.69 39.75 26.07
N PHE C 104 -28.12 38.60 25.73
CA PHE C 104 -27.02 38.57 24.79
C PHE C 104 -27.49 39.12 23.45
N MET C 105 -28.68 38.69 23.03
CA MET C 105 -29.22 39.16 21.76
C MET C 105 -29.44 40.68 21.77
N GLU C 106 -29.86 41.20 22.91
CA GLU C 106 -30.06 42.65 23.09
C GLU C 106 -28.74 43.38 22.93
N ALA C 107 -27.68 42.83 23.52
CA ALA C 107 -26.36 43.41 23.35
C ALA C 107 -25.90 43.34 21.89
N LEU C 108 -26.17 42.21 21.22
CA LEU C 108 -25.81 42.09 19.81
C LEU C 108 -26.51 43.15 18.97
N SER C 109 -27.80 43.34 19.21
CA SER C 109 -28.56 44.36 18.49
C SER C 109 -27.89 45.73 18.60
N ALA C 110 -27.31 46.01 19.77
CA ALA C 110 -26.64 47.29 20.04
C ALA C 110 -25.20 47.35 19.53
N GLY C 111 -24.63 46.20 19.14
CA GLY C 111 -23.30 46.19 18.54
C GLY C 111 -22.24 45.34 19.21
N ALA C 112 -22.58 44.66 20.29
CA ALA C 112 -21.61 43.77 20.95
C ALA C 112 -21.08 42.72 19.98
N ASP C 113 -19.88 42.22 20.26
CA ASP C 113 -19.27 41.23 19.39
C ASP C 113 -19.82 39.86 19.70
N VAL C 114 -19.96 39.02 18.68
CA VAL C 114 -20.43 37.64 18.91
C VAL C 114 -19.55 36.95 19.94
N SER C 115 -18.29 37.40 20.04
CA SER C 115 -17.31 36.76 20.92
C SER C 115 -17.58 37.04 22.39
N MET C 116 -18.50 37.94 22.70
CA MET C 116 -18.84 38.18 24.10
C MET C 116 -19.86 37.15 24.62
N ILE C 117 -20.28 36.24 23.74
CA ILE C 117 -21.33 35.26 24.06
C ILE C 117 -21.15 34.57 25.42
N GLY C 118 -19.92 34.20 25.75
CA GLY C 118 -19.64 33.51 27.00
C GLY C 118 -19.88 34.36 28.24
N GLN C 119 -19.81 35.67 28.07
CA GLN C 119 -20.02 36.56 29.20
C GLN C 119 -21.50 36.61 29.58
N PHE C 120 -22.36 36.14 28.68
CA PHE C 120 -23.79 36.01 28.99
C PHE C 120 -24.15 34.58 29.43
N GLY C 121 -23.15 33.72 29.56
CA GLY C 121 -23.38 32.39 30.10
C GLY C 121 -24.02 31.44 29.11
N VAL C 122 -23.97 31.78 27.83
CA VAL C 122 -24.57 30.94 26.79
C VAL C 122 -23.59 30.59 25.66
N GLY C 123 -22.31 30.52 25.99
CA GLY C 123 -21.28 30.23 25.00
C GLY C 123 -21.45 28.89 24.30
N PHE C 124 -22.16 27.97 24.96
CA PHE C 124 -22.47 26.68 24.34
C PHE C 124 -22.99 26.86 22.93
N TYR C 125 -23.90 27.81 22.74
CA TYR C 125 -24.61 27.94 21.47
C TYR C 125 -23.74 28.47 20.34
N SER C 126 -22.56 28.97 20.68
CA SER C 126 -21.57 29.36 19.66
C SER C 126 -21.16 28.19 18.76
N LEU C 127 -21.43 26.94 19.15
CA LEU C 127 -21.01 25.81 18.32
C LEU C 127 -21.68 25.89 16.94
N PHE C 128 -22.81 26.60 16.87
CA PHE C 128 -23.52 26.68 15.59
C PHE C 128 -22.82 27.60 14.56
N LEU C 129 -21.75 28.27 14.98
CA LEU C 129 -20.89 28.97 14.03
C LEU C 129 -20.21 27.99 13.07
N VAL C 130 -19.86 26.81 13.57
CA VAL C 130 -19.13 25.84 12.75
C VAL C 130 -19.91 24.54 12.45
N ALA C 131 -21.01 24.32 13.15
CA ALA C 131 -21.73 23.05 13.08
C ALA C 131 -23.20 23.26 12.78
N ASP C 132 -23.80 22.35 12.02
CA ASP C 132 -25.25 22.45 11.81
C ASP C 132 -26.04 21.49 12.70
N ARG C 133 -25.33 20.74 13.54
CA ARG C 133 -25.98 19.74 14.38
C ARG C 133 -25.04 19.37 15.53
N VAL C 134 -25.61 19.10 16.70
CA VAL C 134 -24.82 18.71 17.85
C VAL C 134 -25.49 17.58 18.62
N GLN C 135 -24.68 16.61 19.07
CA GLN C 135 -25.13 15.69 20.09
C GLN C 135 -24.32 15.94 21.35
N VAL C 136 -25.01 16.13 22.46
CA VAL C 136 -24.36 16.21 23.75
C VAL C 136 -24.59 14.90 24.50
N ILE C 137 -23.50 14.20 24.76
CA ILE C 137 -23.53 12.89 25.39
C ILE C 137 -23.00 13.11 26.79
N SER C 138 -23.78 12.72 27.80
CA SER C 138 -23.38 13.06 29.16
C SER C 138 -23.64 11.93 30.14
N LYS C 139 -22.71 11.79 31.07
CA LYS C 139 -22.81 10.82 32.15
C LYS C 139 -22.47 11.48 33.48
N SER C 140 -23.47 11.65 34.31
CA SER C 140 -23.31 12.16 35.66
C SER C 140 -23.27 10.92 36.55
N ASN C 141 -22.56 11.00 37.67
CA ASN C 141 -22.59 9.89 38.64
C ASN C 141 -24.02 9.58 39.11
N ASP C 142 -24.92 10.55 38.97
CA ASP C 142 -26.29 10.41 39.47
C ASP C 142 -27.29 9.82 38.48
N ASP C 143 -26.85 9.42 37.29
CA ASP C 143 -27.81 8.93 36.31
C ASP C 143 -27.12 8.05 35.28
N GLU C 144 -27.91 7.50 34.36
CA GLU C 144 -27.40 6.75 33.22
C GLU C 144 -26.84 7.71 32.16
N GLN C 145 -26.18 7.17 31.15
CA GLN C 145 -25.66 8.00 30.08
C GLN C 145 -26.79 8.38 29.11
N TYR C 146 -26.85 9.66 28.72
CA TYR C 146 -27.91 10.15 27.83
C TYR C 146 -27.35 10.97 26.66
N ILE C 147 -28.15 11.08 25.61
CA ILE C 147 -27.82 11.87 24.43
C ILE C 147 -28.88 12.95 24.21
N TRP C 148 -28.41 14.19 24.17
CA TRP C 148 -29.25 15.35 23.86
C TRP C 148 -28.86 15.75 22.45
N GLU C 149 -29.84 15.96 21.57
CA GLU C 149 -29.52 16.32 20.19
C GLU C 149 -30.32 17.52 19.66
N SER C 150 -29.63 18.42 18.97
CA SER C 150 -30.25 19.62 18.42
C SER C 150 -29.70 19.93 17.04
N ASN C 151 -30.58 20.42 16.16
CA ASN C 151 -30.17 20.88 14.84
C ASN C 151 -30.48 22.38 14.68
N ALA C 152 -30.53 23.08 15.81
CA ALA C 152 -30.79 24.53 15.83
C ALA C 152 -32.27 24.86 15.58
N GLY C 153 -33.08 23.83 15.34
CA GLY C 153 -34.51 23.99 15.21
C GLY C 153 -35.17 24.20 16.56
N GLY C 154 -36.49 24.32 16.56
CA GLY C 154 -37.25 24.58 17.78
C GLY C 154 -37.36 23.44 18.77
N SER C 155 -36.93 22.23 18.40
CA SER C 155 -37.06 21.12 19.33
C SER C 155 -35.76 20.34 19.47
N PHE C 156 -35.62 19.65 20.60
CA PHE C 156 -34.47 18.76 20.82
C PHE C 156 -34.94 17.40 21.31
N THR C 157 -34.06 16.41 21.18
CA THR C 157 -34.43 15.08 21.63
C THR C 157 -33.49 14.66 22.74
N VAL C 158 -33.99 13.81 23.62
CA VAL C 158 -33.15 13.20 24.64
C VAL C 158 -33.40 11.71 24.62
N THR C 159 -32.32 10.94 24.55
CA THR C 159 -32.40 9.50 24.38
C THR C 159 -31.44 8.80 25.32
N LEU C 160 -31.91 7.75 26.00
CA LEU C 160 -31.01 6.93 26.79
C LEU C 160 -29.94 6.34 25.86
N ASP C 161 -28.67 6.44 26.26
CA ASP C 161 -27.56 6.14 25.35
C ASP C 161 -27.23 4.64 25.32
N GLU C 162 -27.61 3.98 24.23
CA GLU C 162 -27.21 2.60 24.03
C GLU C 162 -26.34 2.44 22.78
N VAL C 163 -25.70 3.54 22.36
CA VAL C 163 -24.98 3.51 21.08
C VAL C 163 -23.55 4.09 21.10
N ASN C 164 -23.22 4.88 22.11
CA ASN C 164 -21.88 5.49 22.16
C ASN C 164 -20.98 4.80 23.17
N GLU C 165 -19.66 5.01 23.04
CA GLU C 165 -18.72 4.52 24.03
C GLU C 165 -19.18 4.95 25.42
N ARG C 166 -18.90 4.12 26.43
CA ARG C 166 -19.19 4.52 27.79
C ARG C 166 -18.18 5.57 28.18
N ILE C 167 -18.66 6.69 28.68
CA ILE C 167 -17.74 7.59 29.34
C ILE C 167 -17.89 7.30 30.84
N GLY C 168 -16.78 7.27 31.56
CA GLY C 168 -16.86 7.03 32.99
C GLY C 168 -17.72 8.10 33.61
N ARG C 169 -17.43 9.35 33.28
CA ARG C 169 -18.16 10.51 33.81
C ARG C 169 -17.80 11.70 32.93
N GLY C 170 -18.74 12.60 32.71
CA GLY C 170 -18.41 13.84 32.02
C GLY C 170 -19.30 14.04 30.82
N THR C 171 -18.80 14.78 29.84
CA THR C 171 -19.60 15.20 28.72
C THR C 171 -18.80 15.19 27.43
N ILE C 172 -19.45 14.76 26.36
CA ILE C 172 -18.89 14.91 25.02
C ILE C 172 -19.81 15.83 24.22
N LEU C 173 -19.24 16.87 23.62
CA LEU C 173 -19.94 17.62 22.58
C LEU C 173 -19.47 17.06 21.25
N ARG C 174 -20.40 16.46 20.51
CA ARG C 174 -20.10 15.92 19.19
C ARG C 174 -20.67 16.91 18.17
N LEU C 175 -19.77 17.65 17.52
CA LEU C 175 -20.18 18.65 16.53
C LEU C 175 -20.17 18.07 15.12
N PHE C 176 -21.30 18.19 14.44
CA PHE C 176 -21.40 17.83 13.04
C PHE C 176 -21.10 19.07 12.20
N LEU C 177 -19.87 19.15 11.70
CA LEU C 177 -19.34 20.38 11.11
C LEU C 177 -20.00 20.75 9.78
N LYS C 178 -20.18 22.05 9.56
CA LYS C 178 -20.66 22.57 8.29
C LYS C 178 -19.65 22.25 7.19
N ASP C 179 -20.14 22.07 5.96
CA ASP C 179 -19.29 21.65 4.85
C ASP C 179 -18.10 22.57 4.57
N ASP C 180 -18.22 23.85 4.92
CA ASP C 180 -17.13 24.77 4.66
C ASP C 180 -16.32 25.09 5.92
N GLN C 181 -16.48 24.27 6.96
CA GLN C 181 -15.73 24.50 8.20
C GLN C 181 -14.88 23.28 8.59
N LEU C 182 -14.52 22.47 7.60
CA LEU C 182 -13.80 21.24 7.87
C LEU C 182 -12.35 21.51 8.26
N GLU C 183 -11.94 22.77 8.23
CA GLU C 183 -10.61 23.12 8.69
C GLU C 183 -10.42 22.72 10.15
N TYR C 184 -11.50 22.63 10.92
CA TYR C 184 -11.36 22.35 12.34
C TYR C 184 -11.20 20.86 12.64
N LEU C 185 -11.05 20.07 11.59
CA LEU C 185 -10.69 18.67 11.72
C LEU C 185 -9.17 18.53 11.73
N GLU C 186 -8.47 19.61 11.36
CA GLU C 186 -7.01 19.59 11.14
C GLU C 186 -6.20 19.84 12.40
N GLU C 187 -5.25 18.94 12.68
CA GLU C 187 -4.41 19.05 13.88
C GLU C 187 -3.74 20.40 14.04
N LYS C 188 -3.17 20.92 12.94
CA LYS C 188 -2.44 22.18 13.02
C LYS C 188 -3.38 23.33 13.39
N ARG C 189 -4.50 23.38 12.69
CA ARG C 189 -5.52 24.40 12.92
C ARG C 189 -6.06 24.35 14.35
N ILE C 190 -6.40 23.16 14.82
CA ILE C 190 -6.88 23.03 16.20
C ILE C 190 -5.84 23.53 17.20
N LYS C 191 -4.58 23.14 17.01
CA LYS C 191 -3.53 23.57 17.93
C LYS C 191 -3.39 25.08 17.97
N GLU C 192 -3.45 25.72 16.81
CA GLU C 192 -3.28 27.18 16.76
C GLU C 192 -4.45 27.91 17.43
N VAL C 193 -5.65 27.38 17.27
CA VAL C 193 -6.82 27.99 17.93
C VAL C 193 -6.71 27.83 19.45
N ILE C 194 -6.32 26.64 19.91
CA ILE C 194 -6.11 26.39 21.33
C ILE C 194 -5.05 27.32 21.91
N LYS C 195 -3.95 27.47 21.18
CA LYS C 195 -2.83 28.28 21.65
C LYS C 195 -3.22 29.76 21.74
N ARG C 196 -3.94 30.23 20.74
CA ARG C 196 -4.37 31.64 20.70
C ARG C 196 -5.34 32.02 21.81
N HIS C 197 -6.35 31.19 22.09
CA HIS C 197 -7.48 31.65 22.91
C HIS C 197 -7.67 30.93 24.24
N SER C 198 -6.94 29.85 24.47
CA SER C 198 -7.16 29.03 25.66
C SER C 198 -5.86 28.77 26.44
N GLU C 199 -5.07 29.80 26.67
CA GLU C 199 -3.73 29.59 27.26
C GLU C 199 -3.72 29.37 28.77
N PHE C 200 -4.73 29.88 29.48
CA PHE C 200 -4.76 29.71 30.93
C PHE C 200 -5.82 28.70 31.36
N VAL C 201 -5.60 27.45 30.99
CA VAL C 201 -6.46 26.35 31.37
C VAL C 201 -5.71 25.44 32.33
N ALA C 202 -6.35 25.05 33.42
CA ALA C 202 -5.70 24.29 34.48
C ALA C 202 -5.59 22.80 34.21
N TYR C 203 -6.37 22.32 33.26
CA TYR C 203 -6.42 20.89 32.98
C TYR C 203 -5.69 20.59 31.69
N PRO C 204 -5.11 19.40 31.58
CA PRO C 204 -4.45 19.03 30.31
C PRO C 204 -5.45 19.04 29.15
N ILE C 205 -5.08 19.66 28.04
CA ILE C 205 -5.90 19.60 26.84
C ILE C 205 -5.25 18.59 25.89
N GLN C 206 -5.91 17.46 25.69
CA GLN C 206 -5.38 16.39 24.83
C GLN C 206 -5.98 16.44 23.42
N LEU C 207 -5.13 16.19 22.42
CA LEU C 207 -5.59 16.12 21.05
C LEU C 207 -5.35 14.71 20.55
N VAL C 208 -6.41 14.06 20.09
CA VAL C 208 -6.33 12.70 19.57
C VAL C 208 -6.08 12.78 18.07
N VAL C 209 -4.94 12.24 17.64
CA VAL C 209 -4.54 12.36 16.26
C VAL C 209 -4.37 10.96 15.67
N THR C 210 -4.85 10.78 14.46
CA THR C 210 -4.76 9.50 13.79
C THR C 210 -3.74 9.58 12.66
N LYS C 211 -2.66 8.79 12.79
CA LYS C 211 -1.57 8.84 11.82
C LYS C 211 -1.36 7.49 11.15
N GLU C 212 -1.13 7.50 9.84
CA GLU C 212 -0.87 6.24 9.15
C GLU C 212 0.57 5.81 9.39
N VAL C 213 0.75 4.54 9.73
CA VAL C 213 2.09 4.00 9.90
C VAL C 213 2.67 3.71 8.52
N GLU C 214 3.64 4.52 8.12
CA GLU C 214 4.22 4.43 6.79
C GLU C 214 5.25 3.31 6.71
N MET D 1 25.29 -22.23 -22.16
CA MET D 1 26.36 -22.04 -23.13
C MET D 1 27.73 -21.96 -22.46
N ALA D 2 28.70 -22.66 -23.04
CA ALA D 2 30.06 -22.62 -22.53
C ALA D 2 30.73 -21.32 -22.97
N SER D 3 31.48 -20.71 -22.07
CA SER D 3 32.20 -19.48 -22.37
C SER D 3 33.54 -19.76 -23.01
N GLU D 4 33.98 -18.86 -23.88
CA GLU D 4 35.36 -18.89 -24.36
C GLU D 4 36.12 -17.73 -23.72
N THR D 5 37.37 -17.99 -23.36
CA THR D 5 38.17 -16.97 -22.70
C THR D 5 39.29 -16.48 -23.62
N PHE D 6 39.51 -15.16 -23.65
CA PHE D 6 40.57 -14.57 -24.48
C PHE D 6 41.41 -13.59 -23.66
N GLU D 7 42.70 -13.49 -23.97
CA GLU D 7 43.54 -12.53 -23.27
C GLU D 7 43.49 -11.18 -23.96
N PHE D 8 43.52 -10.11 -23.17
CA PHE D 8 43.62 -8.76 -23.72
C PHE D 8 45.02 -8.53 -24.30
N GLN D 9 45.10 -7.77 -25.40
CA GLN D 9 46.39 -7.30 -25.90
C GLN D 9 47.02 -6.51 -24.77
N ALA D 10 48.33 -6.64 -24.60
CA ALA D 10 49.03 -6.12 -23.42
C ALA D 10 48.78 -4.65 -23.11
N GLU D 11 48.79 -3.80 -24.14
CA GLU D 11 48.67 -2.36 -23.92
C GLU D 11 47.24 -1.97 -23.52
N ILE D 12 46.27 -2.81 -23.86
CA ILE D 12 44.88 -2.57 -23.46
C ILE D 12 44.69 -2.89 -21.98
N THR D 13 45.29 -3.98 -21.53
CA THR D 13 45.34 -4.26 -20.10
C THR D 13 46.01 -3.08 -19.36
N GLN D 14 47.06 -2.50 -19.95
CA GLN D 14 47.76 -1.36 -19.35
C GLN D 14 46.83 -0.15 -19.33
N LEU D 15 46.14 0.08 -20.46
CA LEU D 15 45.24 1.21 -20.59
C LEU D 15 44.12 1.14 -19.56
N MET D 16 43.56 -0.05 -19.39
CA MET D 16 42.47 -0.26 -18.45
C MET D 16 42.92 0.05 -17.02
N SER D 17 44.09 -0.43 -16.66
CA SER D 17 44.64 -0.21 -15.33
C SER D 17 44.88 1.29 -15.05
N LEU D 18 45.35 2.02 -16.06
CA LEU D 18 45.63 3.44 -15.90
C LEU D 18 44.33 4.23 -15.72
N ILE D 19 43.32 3.88 -16.50
CA ILE D 19 42.00 4.51 -16.40
C ILE D 19 41.39 4.31 -15.01
N ILE D 20 41.39 3.07 -14.54
CA ILE D 20 40.79 2.73 -13.26
C ILE D 20 41.54 3.34 -12.07
N ASN D 21 42.86 3.43 -12.17
CA ASN D 21 43.68 3.78 -11.02
C ASN D 21 44.24 5.22 -10.95
N THR D 22 44.24 5.94 -12.05
CA THR D 22 44.91 7.26 -12.06
C THR D 22 44.04 8.44 -12.51
N VAL D 23 42.78 8.17 -12.82
CA VAL D 23 41.88 9.23 -13.27
C VAL D 23 40.85 9.57 -12.19
N TYR D 24 40.85 10.82 -11.76
CA TYR D 24 40.06 11.22 -10.59
C TYR D 24 38.90 12.15 -10.94
N SER D 25 38.96 12.79 -12.10
CA SER D 25 37.95 13.79 -12.43
C SER D 25 37.40 13.71 -13.86
N ASN D 26 36.22 14.29 -14.04
CA ASN D 26 35.55 14.35 -15.34
C ASN D 26 35.18 12.96 -15.84
N LYS D 27 34.80 12.10 -14.89
CA LYS D 27 34.39 10.73 -15.21
C LYS D 27 33.15 10.69 -16.11
N GLU D 28 32.35 11.75 -16.03
CA GLU D 28 31.04 11.75 -16.68
C GLU D 28 31.18 11.65 -18.19
N ILE D 29 32.37 11.93 -18.72
CA ILE D 29 32.57 11.86 -20.17
C ILE D 29 32.45 10.45 -20.70
N PHE D 30 32.42 9.45 -19.81
CA PHE D 30 32.18 8.08 -20.27
C PHE D 30 30.89 8.01 -21.07
N LEU D 31 29.88 8.74 -20.61
CA LEU D 31 28.58 8.72 -21.27
C LEU D 31 28.65 9.33 -22.66
N ARG D 32 29.41 10.42 -22.81
CA ARG D 32 29.59 11.03 -24.13
C ARG D 32 30.23 10.03 -25.06
N GLU D 33 31.25 9.34 -24.56
CA GLU D 33 31.95 8.36 -25.38
C GLU D 33 31.03 7.22 -25.81
N LEU D 34 30.21 6.73 -24.88
CA LEU D 34 29.32 5.62 -25.21
C LEU D 34 28.21 6.08 -26.14
N ILE D 35 27.72 7.31 -25.97
CA ILE D 35 26.72 7.84 -26.88
C ILE D 35 27.30 8.02 -28.30
N SER D 36 28.52 8.54 -28.36
CA SER D 36 29.20 8.71 -29.66
C SER D 36 29.38 7.39 -30.39
N ASN D 37 29.83 6.37 -29.66
CA ASN D 37 29.93 5.03 -30.24
C ASN D 37 28.60 4.52 -30.77
N ALA D 38 27.53 4.77 -30.02
CA ALA D 38 26.21 4.32 -30.45
C ALA D 38 25.83 5.04 -31.73
N SER D 39 26.03 6.35 -31.74
CA SER D 39 25.71 7.16 -32.91
C SER D 39 26.49 6.65 -34.12
N ASP D 40 27.78 6.40 -33.90
CA ASP D 40 28.63 5.81 -34.94
C ASP D 40 28.05 4.53 -35.53
N ALA D 41 27.58 3.63 -34.67
CA ALA D 41 27.04 2.38 -35.14
C ALA D 41 25.75 2.57 -35.89
N LEU D 42 24.97 3.56 -35.46
CA LEU D 42 23.71 3.91 -36.12
C LEU D 42 23.97 4.50 -37.52
N ASP D 43 24.99 5.33 -37.63
CA ASP D 43 25.43 5.82 -38.95
C ASP D 43 25.74 4.67 -39.92
N LYS D 44 26.39 3.62 -39.42
CA LYS D 44 26.84 2.54 -40.28
C LYS D 44 25.73 1.65 -40.79
N ILE D 45 24.74 1.36 -39.94
CA ILE D 45 23.63 0.55 -40.43
C ILE D 45 22.80 1.38 -41.41
N ARG D 46 22.74 2.68 -41.15
CA ARG D 46 21.91 3.60 -41.93
C ARG D 46 22.49 3.77 -43.32
N TYR D 47 23.78 4.06 -43.36
CA TYR D 47 24.54 4.08 -44.62
C TYR D 47 24.39 2.76 -45.38
N LYS D 48 24.73 1.66 -44.72
CA LYS D 48 24.71 0.34 -45.36
C LYS D 48 23.31 -0.07 -45.83
N SER D 49 22.28 0.52 -45.25
CA SER D 49 20.90 0.18 -45.64
C SER D 49 20.57 0.81 -46.99
N LEU D 50 21.28 1.88 -47.31
CA LEU D 50 21.20 2.54 -48.63
C LEU D 50 21.13 1.54 -49.79
N SER D 51 21.91 0.47 -49.71
CA SER D 51 22.00 -0.49 -50.80
C SER D 51 21.42 -1.84 -50.43
N ASP D 52 20.71 -1.86 -49.32
CA ASP D 52 20.17 -3.11 -48.78
C ASP D 52 19.15 -2.80 -47.70
N PRO D 53 17.98 -2.29 -48.11
CA PRO D 53 16.99 -1.85 -47.12
C PRO D 53 16.53 -2.97 -46.20
N LYS D 54 16.73 -4.22 -46.60
CA LYS D 54 16.36 -5.36 -45.76
C LYS D 54 17.16 -5.35 -44.46
N GLN D 55 18.25 -4.59 -44.46
CA GLN D 55 19.16 -4.50 -43.32
C GLN D 55 18.45 -3.95 -42.08
N LEU D 56 17.51 -3.04 -42.30
CA LEU D 56 16.81 -2.39 -41.21
C LEU D 56 15.67 -3.23 -40.66
N GLU D 57 15.24 -4.21 -41.44
CA GLU D 57 14.04 -4.97 -41.08
C GLU D 57 14.20 -5.72 -39.75
N THR D 58 15.44 -5.93 -39.33
CA THR D 58 15.70 -6.58 -38.04
C THR D 58 15.42 -5.63 -36.88
N GLU D 59 15.44 -4.33 -37.17
CA GLU D 59 15.12 -3.29 -36.18
C GLU D 59 14.92 -1.94 -36.87
N PRO D 60 13.70 -1.69 -37.35
CA PRO D 60 13.37 -0.53 -38.18
C PRO D 60 13.66 0.81 -37.51
N ASP D 61 13.49 0.89 -36.18
CA ASP D 61 13.71 2.15 -35.49
C ASP D 61 15.17 2.36 -35.12
N LEU D 62 15.66 3.57 -35.38
CA LEU D 62 17.03 3.91 -35.07
C LEU D 62 17.06 4.79 -33.83
N PHE D 63 17.64 4.27 -32.74
CA PHE D 63 17.59 4.99 -31.48
C PHE D 63 18.76 4.66 -30.58
N ILE D 64 18.99 5.54 -29.62
CA ILE D 64 19.85 5.26 -28.48
C ILE D 64 18.98 5.27 -27.22
N ARG D 65 19.16 4.29 -26.34
CA ARG D 65 18.27 4.14 -25.18
C ARG D 65 19.06 3.85 -23.92
N ILE D 66 18.82 4.63 -22.88
CA ILE D 66 19.54 4.50 -21.63
C ILE D 66 18.59 3.99 -20.53
N THR D 67 18.95 2.88 -19.89
CA THR D 67 18.09 2.25 -18.89
C THR D 67 18.84 2.01 -17.59
N PRO D 68 18.60 2.86 -16.59
CA PRO D 68 19.11 2.53 -15.25
C PRO D 68 18.36 1.37 -14.59
N LYS D 69 19.10 0.47 -13.94
CA LYS D 69 18.50 -0.65 -13.22
C LYS D 69 19.05 -0.63 -11.80
N PRO D 70 18.49 0.24 -10.97
CA PRO D 70 18.97 0.53 -9.61
C PRO D 70 19.12 -0.72 -8.76
N GLU D 71 18.14 -1.62 -8.81
CA GLU D 71 18.21 -2.87 -8.03
C GLU D 71 19.51 -3.64 -8.27
N GLN D 72 20.01 -3.59 -9.50
CA GLN D 72 21.21 -4.33 -9.86
C GLN D 72 22.47 -3.46 -9.89
N LYS D 73 22.33 -2.20 -9.54
CA LYS D 73 23.41 -1.21 -9.71
C LYS D 73 23.94 -1.25 -11.15
N VAL D 74 23.01 -1.34 -12.11
CA VAL D 74 23.39 -1.43 -13.50
C VAL D 74 22.86 -0.26 -14.31
N LEU D 75 23.67 0.21 -15.26
CA LEU D 75 23.23 1.19 -16.24
C LEU D 75 23.44 0.62 -17.64
N GLU D 76 22.37 0.52 -18.42
CA GLU D 76 22.49 0.00 -19.79
C GLU D 76 22.41 1.14 -20.81
N ILE D 77 23.28 1.07 -21.81
CA ILE D 77 23.22 1.99 -22.94
C ILE D 77 23.04 1.13 -24.17
N ARG D 78 21.91 1.29 -24.84
CA ARG D 78 21.56 0.47 -25.99
C ARG D 78 21.45 1.30 -27.29
N ASP D 79 21.82 0.71 -28.42
CA ASP D 79 21.54 1.33 -29.70
C ASP D 79 21.16 0.28 -30.71
N SER D 80 20.44 0.70 -31.75
CA SER D 80 20.04 -0.22 -32.82
C SER D 80 20.93 0.00 -34.04
N GLY D 81 22.22 0.20 -33.77
CA GLY D 81 23.23 0.29 -34.82
C GLY D 81 23.55 -1.05 -35.48
N ILE D 82 24.65 -1.05 -36.24
CA ILE D 82 25.00 -2.19 -37.08
C ILE D 82 25.41 -3.43 -36.28
N GLY D 83 25.81 -3.26 -35.03
CA GLY D 83 26.15 -4.40 -34.18
C GLY D 83 27.52 -4.99 -34.49
N MET D 84 27.89 -6.04 -33.76
CA MET D 84 29.19 -6.70 -33.92
C MET D 84 29.03 -8.21 -33.93
N THR D 85 29.67 -8.87 -34.89
CA THR D 85 29.70 -10.33 -34.92
C THR D 85 30.59 -10.84 -33.81
N LYS D 86 30.60 -12.15 -33.61
CA LYS D 86 31.50 -12.73 -32.61
C LYS D 86 32.97 -12.34 -32.85
N ALA D 87 33.42 -12.43 -34.10
CA ALA D 87 34.82 -12.10 -34.42
C ALA D 87 35.10 -10.61 -34.18
N GLU D 88 34.11 -9.77 -34.50
CA GLU D 88 34.25 -8.33 -34.27
C GLU D 88 34.37 -7.99 -32.79
N LEU D 89 33.58 -8.63 -31.94
CA LEU D 89 33.70 -8.41 -30.50
C LEU D 89 35.09 -8.76 -30.02
N ILE D 90 35.58 -9.91 -30.46
CA ILE D 90 36.89 -10.38 -30.03
C ILE D 90 38.00 -9.45 -30.53
N ASN D 91 37.93 -9.08 -31.80
CA ASN D 91 38.95 -8.22 -32.39
C ASN D 91 38.90 -6.76 -31.93
N ASN D 92 37.71 -6.18 -31.92
CA ASN D 92 37.53 -4.75 -31.60
C ASN D 92 37.65 -4.43 -30.12
N LEU D 93 37.29 -5.38 -29.27
CA LEU D 93 37.24 -5.14 -27.84
C LEU D 93 38.25 -5.94 -27.05
N GLY D 94 39.48 -6.05 -27.54
CA GLY D 94 40.49 -6.60 -26.66
C GLY D 94 41.71 -7.29 -27.23
N THR D 95 41.56 -8.04 -28.32
CA THR D 95 42.71 -8.81 -28.83
C THR D 95 43.62 -8.00 -29.77
N ILE D 96 43.06 -7.03 -30.48
CA ILE D 96 43.87 -6.25 -31.42
C ILE D 96 44.32 -4.91 -30.84
N ALA D 97 45.60 -4.61 -31.01
CA ALA D 97 46.17 -3.34 -30.59
C ALA D 97 45.45 -2.18 -31.27
N LYS D 98 45.03 -1.20 -30.48
CA LYS D 98 44.46 0.01 -31.05
C LYS D 98 45.58 1.01 -31.29
N SER D 99 45.63 1.63 -32.46
CA SER D 99 46.79 2.43 -32.83
C SER D 99 47.08 3.56 -31.83
N GLY D 100 46.03 4.19 -31.30
CA GLY D 100 46.20 5.31 -30.37
C GLY D 100 46.37 4.96 -28.90
N THR D 101 46.34 3.67 -28.56
CA THR D 101 46.40 3.26 -27.15
C THR D 101 47.63 3.81 -26.43
N LYS D 102 48.80 3.59 -27.01
CA LYS D 102 50.05 4.06 -26.39
C LYS D 102 50.12 5.59 -26.28
N ALA D 103 49.75 6.28 -27.36
CA ALA D 103 49.81 7.73 -27.36
C ALA D 103 48.85 8.28 -26.31
N PHE D 104 47.70 7.64 -26.14
CA PHE D 104 46.78 8.12 -25.12
C PHE D 104 47.32 7.92 -23.71
N MET D 105 47.87 6.74 -23.43
CA MET D 105 48.46 6.51 -22.10
C MET D 105 49.55 7.55 -21.80
N GLU D 106 50.36 7.89 -22.79
CA GLU D 106 51.39 8.90 -22.61
C GLU D 106 50.78 10.28 -22.36
N ALA D 107 49.76 10.62 -23.15
CA ALA D 107 49.07 11.89 -22.99
C ALA D 107 48.47 11.99 -21.60
N LEU D 108 47.81 10.93 -21.16
CA LEU D 108 47.18 10.89 -19.85
C LEU D 108 48.22 11.09 -18.75
N SER D 109 49.34 10.37 -18.83
CA SER D 109 50.39 10.49 -17.84
C SER D 109 51.01 11.89 -17.84
N ALA D 110 50.83 12.61 -18.95
CA ALA D 110 51.39 13.95 -19.05
C ALA D 110 50.43 15.03 -18.54
N GLY D 111 49.25 14.61 -18.10
CA GLY D 111 48.29 15.53 -17.51
C GLY D 111 47.06 15.79 -18.37
N ALA D 112 46.92 15.07 -19.47
CA ALA D 112 45.78 15.26 -20.36
C ALA D 112 44.47 14.99 -19.63
N ASP D 113 43.43 15.75 -19.98
CA ASP D 113 42.08 15.48 -19.48
C ASP D 113 41.61 14.14 -20.08
N VAL D 114 40.88 13.32 -19.33
CA VAL D 114 40.47 12.02 -19.88
C VAL D 114 39.50 12.23 -21.02
N SER D 115 38.93 13.41 -21.08
CA SER D 115 38.03 13.77 -22.17
C SER D 115 38.70 13.57 -23.52
N MET D 116 40.04 13.58 -23.52
CA MET D 116 40.79 13.44 -24.76
C MET D 116 40.77 12.02 -25.31
N ILE D 117 40.26 11.08 -24.53
CA ILE D 117 40.33 9.67 -24.90
C ILE D 117 39.71 9.36 -26.25
N GLY D 118 38.59 10.01 -26.58
CA GLY D 118 37.92 9.75 -27.84
C GLY D 118 38.80 10.08 -29.03
N GLN D 119 39.65 11.09 -28.84
CA GLN D 119 40.60 11.56 -29.85
C GLN D 119 41.63 10.50 -30.26
N PHE D 120 41.82 9.52 -29.39
CA PHE D 120 42.79 8.44 -29.62
C PHE D 120 42.15 7.13 -30.00
N GLY D 121 40.82 7.16 -30.16
CA GLY D 121 40.09 6.00 -30.65
C GLY D 121 39.84 4.90 -29.62
N VAL D 122 40.05 5.21 -28.35
CA VAL D 122 39.89 4.19 -27.31
C VAL D 122 38.84 4.55 -26.26
N GLY D 123 37.88 5.38 -26.66
CA GLY D 123 36.89 5.92 -25.75
C GLY D 123 36.05 4.85 -25.07
N PHE D 124 35.90 3.69 -25.70
CA PHE D 124 35.15 2.59 -25.08
C PHE D 124 35.63 2.35 -23.64
N TYR D 125 36.94 2.41 -23.45
CA TYR D 125 37.53 2.00 -22.17
C TYR D 125 37.27 3.03 -21.08
N SER D 126 36.74 4.20 -21.45
CA SER D 126 36.34 5.17 -20.44
C SER D 126 35.24 4.63 -19.52
N LEU D 127 34.56 3.57 -19.93
CA LEU D 127 33.49 3.04 -19.08
C LEU D 127 34.04 2.56 -17.74
N PHE D 128 35.31 2.17 -17.72
CA PHE D 128 35.90 1.69 -16.47
C PHE D 128 36.14 2.84 -15.48
N LEU D 129 35.92 4.08 -15.93
CA LEU D 129 35.90 5.20 -14.99
C LEU D 129 34.79 5.00 -13.94
N VAL D 130 33.67 4.40 -14.34
CA VAL D 130 32.52 4.29 -13.45
C VAL D 130 32.07 2.86 -13.16
N ALA D 131 32.58 1.89 -13.92
CA ALA D 131 32.15 0.50 -13.76
C ALA D 131 33.34 -0.41 -13.49
N ASP D 132 33.15 -1.43 -12.64
CA ASP D 132 34.20 -2.43 -12.43
C ASP D 132 33.95 -3.71 -13.21
N ARG D 133 32.82 -3.75 -13.91
CA ARG D 133 32.46 -4.93 -14.70
C ARG D 133 31.55 -4.46 -15.83
N VAL D 134 31.70 -5.08 -16.99
CA VAL D 134 30.89 -4.71 -18.13
C VAL D 134 30.57 -5.91 -18.98
N GLN D 135 29.32 -5.95 -19.45
CA GLN D 135 28.94 -6.91 -20.46
C GLN D 135 28.56 -6.13 -21.69
N VAL D 136 29.14 -6.50 -22.83
CA VAL D 136 28.71 -5.99 -24.11
C VAL D 136 27.92 -7.07 -24.82
N ILE D 137 26.64 -6.79 -25.05
CA ILE D 137 25.74 -7.72 -25.69
C ILE D 137 25.53 -7.17 -27.10
N SER D 138 25.78 -7.97 -28.12
CA SER D 138 25.69 -7.42 -29.47
C SER D 138 25.05 -8.38 -30.47
N LYS D 139 24.27 -7.82 -31.38
CA LYS D 139 23.63 -8.57 -32.44
C LYS D 139 23.82 -7.86 -33.79
N SER D 140 24.60 -8.49 -34.65
CA SER D 140 24.79 -8.04 -36.02
C SER D 140 23.87 -8.85 -36.92
N ASN D 141 23.32 -8.23 -37.96
CA ASN D 141 22.52 -8.99 -38.92
C ASN D 141 23.28 -10.23 -39.41
N ASP D 142 24.61 -10.19 -39.32
CA ASP D 142 25.46 -11.23 -39.88
C ASP D 142 25.86 -12.36 -38.93
N ASP D 143 25.35 -12.36 -37.70
CA ASP D 143 25.74 -13.38 -36.73
C ASP D 143 24.65 -13.51 -35.66
N GLU D 144 24.87 -14.43 -34.73
CA GLU D 144 23.98 -14.64 -33.60
C GLU D 144 24.30 -13.62 -32.52
N GLN D 145 23.42 -13.49 -31.53
CA GLN D 145 23.65 -12.55 -30.43
C GLN D 145 24.72 -13.12 -29.48
N TYR D 146 25.70 -12.28 -29.14
CA TYR D 146 26.81 -12.69 -28.26
C TYR D 146 26.98 -11.77 -27.06
N ILE D 147 27.64 -12.31 -26.03
CA ILE D 147 27.99 -11.54 -24.83
C ILE D 147 29.50 -11.53 -24.61
N TRP D 148 30.06 -10.32 -24.60
CA TRP D 148 31.45 -10.07 -24.27
C TRP D 148 31.45 -9.57 -22.83
N GLU D 149 32.30 -10.12 -21.97
CA GLU D 149 32.32 -9.72 -20.58
C GLU D 149 33.73 -9.52 -20.04
N SER D 150 33.91 -8.42 -19.31
CA SER D 150 35.20 -8.11 -18.68
C SER D 150 35.01 -7.52 -17.28
N ASN D 151 35.95 -7.84 -16.40
CA ASN D 151 36.02 -7.23 -15.08
C ASN D 151 37.35 -6.52 -14.91
N ALA D 152 37.89 -6.04 -16.03
CA ALA D 152 39.17 -5.33 -16.03
C ALA D 152 40.33 -6.20 -15.55
N GLY D 153 40.15 -7.52 -15.63
CA GLY D 153 41.25 -8.44 -15.41
C GLY D 153 42.18 -8.35 -16.60
N GLY D 154 42.79 -9.48 -16.96
CA GLY D 154 43.68 -9.51 -18.12
C GLY D 154 43.06 -10.33 -19.23
N SER D 155 41.86 -10.83 -18.97
CA SER D 155 41.16 -11.68 -19.92
C SER D 155 39.68 -11.33 -19.98
N PHE D 156 39.03 -11.66 -21.09
CA PHE D 156 37.60 -11.47 -21.23
C PHE D 156 36.96 -12.76 -21.72
N THR D 157 35.65 -12.84 -21.62
CA THR D 157 34.94 -14.00 -22.11
C THR D 157 33.98 -13.58 -23.21
N VAL D 158 33.72 -14.52 -24.12
CA VAL D 158 32.70 -14.34 -25.14
C VAL D 158 31.79 -15.56 -25.10
N THR D 159 30.48 -15.33 -25.03
CA THR D 159 29.50 -16.41 -24.89
C THR D 159 28.30 -16.19 -25.82
N LEU D 160 27.88 -17.27 -26.49
CA LEU D 160 26.66 -17.22 -27.27
C LEU D 160 25.52 -16.85 -26.30
N ASP D 161 24.67 -15.90 -26.69
CA ASP D 161 23.68 -15.35 -25.78
C ASP D 161 22.37 -16.13 -25.78
N GLU D 162 22.13 -16.86 -24.70
CA GLU D 162 20.83 -17.49 -24.51
C GLU D 162 20.15 -17.01 -23.23
N VAL D 163 20.55 -15.82 -22.73
CA VAL D 163 20.04 -15.34 -21.44
C VAL D 163 19.48 -13.91 -21.39
N ASN D 164 19.79 -13.07 -22.38
CA ASN D 164 19.27 -11.71 -22.42
C ASN D 164 18.13 -11.53 -23.40
N GLU D 165 17.40 -10.41 -23.30
CA GLU D 165 16.38 -10.06 -24.28
C GLU D 165 16.98 -10.05 -25.69
N ARG D 166 16.16 -10.42 -26.68
CA ARG D 166 16.58 -10.29 -28.06
C ARG D 166 16.66 -8.83 -28.42
N ILE D 167 17.80 -8.40 -28.89
CA ILE D 167 17.77 -7.11 -29.54
C ILE D 167 17.65 -7.48 -31.01
N GLY D 168 16.90 -6.70 -31.77
CA GLY D 168 16.67 -7.05 -33.15
C GLY D 168 18.00 -6.98 -33.85
N ARG D 169 18.74 -5.92 -33.50
CA ARG D 169 20.03 -5.60 -34.09
C ARG D 169 20.65 -4.53 -33.21
N GLY D 170 21.95 -4.59 -32.98
CA GLY D 170 22.63 -3.51 -32.30
C GLY D 170 23.47 -3.93 -31.11
N THR D 171 23.67 -3.01 -30.16
CA THR D 171 24.59 -3.28 -29.06
C THR D 171 24.06 -2.74 -27.75
N ILE D 172 24.24 -3.51 -26.68
CA ILE D 172 23.99 -3.01 -25.35
C ILE D 172 25.28 -2.98 -24.55
N LEU D 173 25.58 -1.84 -23.95
CA LEU D 173 26.60 -1.80 -22.93
C LEU D 173 25.93 -1.87 -21.58
N ARG D 174 26.20 -2.95 -20.85
CA ARG D 174 25.63 -3.16 -19.52
C ARG D 174 26.73 -2.91 -18.52
N LEU D 175 26.66 -1.74 -17.87
CA LEU D 175 27.68 -1.31 -16.93
C LEU D 175 27.26 -1.69 -15.52
N PHE D 176 28.12 -2.45 -14.84
CA PHE D 176 27.91 -2.74 -13.43
C PHE D 176 28.63 -1.65 -12.65
N LEU D 177 27.88 -0.64 -12.21
CA LEU D 177 28.49 0.56 -11.64
C LEU D 177 29.17 0.29 -10.29
N LYS D 178 30.28 0.98 -10.05
CA LYS D 178 30.92 0.98 -8.74
C LYS D 178 30.06 1.76 -7.74
N ASP D 179 30.14 1.38 -6.47
CA ASP D 179 29.33 1.99 -5.41
C ASP D 179 29.43 3.50 -5.23
N ASP D 180 30.52 4.11 -5.67
CA ASP D 180 30.62 5.57 -5.55
C ASP D 180 30.26 6.29 -6.85
N GLN D 181 29.64 5.57 -7.78
CA GLN D 181 29.29 6.16 -9.07
C GLN D 181 27.81 5.93 -9.42
N LEU D 182 27.00 5.69 -8.40
CA LEU D 182 25.57 5.42 -8.62
C LEU D 182 24.76 6.66 -9.03
N GLU D 183 25.37 7.83 -8.98
CA GLU D 183 24.67 9.03 -9.42
C GLU D 183 24.24 8.88 -10.89
N TYR D 184 24.90 8.00 -11.62
CA TYR D 184 24.56 7.80 -13.04
C TYR D 184 23.35 6.90 -13.26
N LEU D 185 22.74 6.45 -12.16
CA LEU D 185 21.44 5.79 -12.17
C LEU D 185 20.28 6.79 -12.12
N GLU D 186 20.59 8.04 -11.81
CA GLU D 186 19.56 9.05 -11.53
C GLU D 186 19.15 9.86 -12.76
N GLU D 187 17.84 9.98 -12.97
CA GLU D 187 17.31 10.65 -14.16
C GLU D 187 17.90 12.04 -14.35
N LYS D 188 17.91 12.83 -13.29
CA LYS D 188 18.39 14.20 -13.36
C LYS D 188 19.87 14.30 -13.77
N ARG D 189 20.72 13.49 -13.14
CA ARG D 189 22.14 13.48 -13.49
C ARG D 189 22.38 13.06 -14.94
N ILE D 190 21.67 12.04 -15.38
CA ILE D 190 21.82 11.53 -16.74
C ILE D 190 21.45 12.63 -17.74
N LYS D 191 20.31 13.29 -17.50
CA LYS D 191 19.90 14.37 -18.39
C LYS D 191 20.95 15.48 -18.41
N GLU D 192 21.51 15.80 -17.25
CA GLU D 192 22.53 16.84 -17.18
C GLU D 192 23.73 16.52 -18.07
N VAL D 193 24.21 15.28 -17.97
CA VAL D 193 25.41 14.88 -18.67
C VAL D 193 25.17 14.89 -20.18
N ILE D 194 23.99 14.43 -20.59
CA ILE D 194 23.64 14.42 -22.01
C ILE D 194 23.63 15.85 -22.54
N LYS D 195 23.04 16.77 -21.77
CA LYS D 195 22.91 18.15 -22.21
C LYS D 195 24.25 18.86 -22.38
N ARG D 196 25.19 18.57 -21.49
CA ARG D 196 26.53 19.16 -21.57
C ARG D 196 27.36 18.62 -22.73
N HIS D 197 27.30 17.30 -22.96
CA HIS D 197 28.29 16.67 -23.82
C HIS D 197 27.77 16.09 -25.11
N SER D 198 26.47 15.88 -25.18
CA SER D 198 25.90 15.20 -26.33
C SER D 198 24.77 16.02 -26.92
N GLU D 199 25.03 17.32 -27.08
CA GLU D 199 24.03 18.25 -27.59
C GLU D 199 23.59 17.88 -29.02
N PHE D 200 24.56 17.51 -29.85
CA PHE D 200 24.31 17.28 -31.27
C PHE D 200 24.33 15.80 -31.66
N VAL D 201 23.18 15.14 -31.54
CA VAL D 201 23.07 13.74 -31.94
C VAL D 201 21.90 13.63 -32.91
N ALA D 202 22.08 12.87 -33.98
CA ALA D 202 21.08 12.75 -35.04
C ALA D 202 19.95 11.79 -34.70
N TYR D 203 20.10 11.06 -33.60
CA TYR D 203 19.15 10.03 -33.26
C TYR D 203 18.48 10.38 -31.95
N PRO D 204 17.23 9.95 -31.78
CA PRO D 204 16.57 10.21 -30.49
C PRO D 204 17.31 9.48 -29.38
N ILE D 205 17.53 10.17 -28.25
CA ILE D 205 18.07 9.54 -27.05
C ILE D 205 16.94 9.33 -26.04
N GLN D 206 16.56 8.08 -25.82
CA GLN D 206 15.44 7.74 -24.94
C GLN D 206 15.97 7.37 -23.57
N LEU D 207 15.28 7.80 -22.51
CA LEU D 207 15.67 7.46 -21.16
C LEU D 207 14.51 6.71 -20.50
N VAL D 208 14.79 5.50 -19.99
CA VAL D 208 13.76 4.63 -19.42
C VAL D 208 13.75 4.80 -17.91
N VAL D 209 12.64 5.33 -17.39
CA VAL D 209 12.56 5.65 -15.98
C VAL D 209 11.48 4.80 -15.31
N THR D 210 11.81 4.23 -14.16
CA THR D 210 10.88 3.35 -13.46
C THR D 210 10.38 4.07 -12.22
N LYS D 211 9.07 4.31 -12.15
CA LYS D 211 8.49 5.00 -11.02
C LYS D 211 7.37 4.19 -10.35
N GLU D 212 7.34 4.22 -9.02
CA GLU D 212 6.27 3.54 -8.28
C GLU D 212 4.98 4.31 -8.41
N VAL D 213 3.90 3.62 -8.73
CA VAL D 213 2.60 4.25 -8.82
C VAL D 213 2.05 4.41 -7.41
N GLU D 214 1.96 5.66 -6.96
CA GLU D 214 1.52 5.95 -5.60
C GLU D 214 0.07 6.43 -5.56
#